data_2VLC
#
_entry.id   2VLC
#
_cell.length_a   52.388
_cell.length_b   126.329
_cell.length_c   161.451
_cell.angle_alpha   90.00
_cell.angle_beta   90.00
_cell.angle_gamma   90.00
#
_symmetry.space_group_name_H-M   'P 21 21 21'
#
loop_
_entity.id
_entity.type
_entity.pdbx_description
1 polymer 'Ribosome-inactivating protein'
2 branched 2-acetamido-2-deoxy-beta-D-glucopyranose-(1-4)-2-acetamido-2-deoxy-beta-D-glucopyranose
3 non-polymer beta-D-mannopyranose
4 non-polymer beta-D-xylopyranose
5 water water
#
_entity_poly.entity_id   1
_entity_poly.type   'polypeptide(L)'
_entity_poly.pdbx_seq_one_letter_code
;YLQLLILLPSSPFMVVEPHTLNYQTVTFTTKNATKTSYTQFIEALRAQLASGEEPHGIPVMRERSTVPDSKRFILVELSN
WAADSPVTLAVDVTNAYVVAYRTGSQSFFLREDNPDPAIENLLPDTKRYTFPFSGSYTDLERVAGERREEILLGMDPLEN
AISALWISNLNQQRALARSLIVVIQMVAEAVRFRFIEYRVRESISRAEMFRPDPAMLSLENKWSALSNAVQQSNQGGVFS
SPVELRSISNKPVYVGSVSDRVISGLAIMLFICRSTDRASSDQFIDHLLMIRPILADVADVATDADNDDTCADPEPTVRI
SGRNGLCVRVRDGKYNNGNPIQLWPCKQNSDVNQLWTLRRDGTIRSNGKCLTTNGYSAGDYVMIYDCRTPVTAASIWQFW
ANGTIINPQSALVLSAESGNPRTTLTVQADIYASRQGWLAGNNTEPFVTSIVGFNDLCMQANGDAMWVVECESSKAEQKW
ALYPDGSIRPHQDRDRCLTSTDNHSQGSIIIISSCSPGSEGQRWVFMNDGTILNLKNGLVMDVKGSDPSLHQIIIWPATG
KPNQKWLPLL
;
_entity_poly.pdbx_strand_id   A,B
#
# COMPACT_ATOMS: atom_id res chain seq x y z
N TYR A 23 -11.78 12.96 -46.07
CA TYR A 23 -10.96 12.05 -45.25
C TYR A 23 -10.53 10.80 -46.00
N GLN A 24 -9.33 10.82 -46.54
CA GLN A 24 -8.85 9.68 -47.32
C GLN A 24 -7.37 9.36 -47.17
N THR A 25 -6.56 10.40 -46.93
CA THR A 25 -5.12 10.35 -47.00
C THR A 25 -4.52 10.87 -45.71
N VAL A 26 -3.92 9.98 -44.92
CA VAL A 26 -3.08 10.39 -43.80
C VAL A 26 -1.62 10.26 -44.21
N THR A 27 -0.83 11.28 -43.89
CA THR A 27 0.61 11.29 -44.16
C THR A 27 1.46 11.20 -42.91
N PHE A 28 2.62 10.56 -43.07
CA PHE A 28 3.71 10.57 -42.09
C PHE A 28 5.02 10.70 -42.87
N THR A 29 5.98 11.40 -42.29
CA THR A 29 7.33 11.56 -42.85
C THR A 29 8.39 11.20 -41.80
N THR A 30 9.53 10.69 -42.26
CA THR A 30 10.70 10.45 -41.40
C THR A 30 11.47 11.74 -41.18
N LYS A 31 11.54 12.57 -42.22
CA LYS A 31 12.18 13.88 -42.20
C LYS A 31 11.94 14.52 -40.85
N ASN A 32 13.00 14.65 -40.05
CA ASN A 32 12.93 15.34 -38.76
C ASN A 32 11.70 14.87 -37.93
N ALA A 33 11.51 13.56 -37.78
CA ALA A 33 10.32 13.06 -37.10
C ALA A 33 10.54 13.12 -35.62
N THR A 34 9.46 13.50 -34.94
CA THR A 34 9.44 13.67 -33.49
C THR A 34 8.51 12.62 -32.86
N LYS A 35 8.62 12.45 -31.55
CA LYS A 35 7.71 11.58 -30.78
C LYS A 35 6.25 12.07 -30.88
N THR A 36 6.10 13.39 -30.97
CA THR A 36 4.80 14.01 -31.14
C THR A 36 4.19 13.65 -32.48
N SER A 37 4.91 13.93 -33.56
CA SER A 37 4.38 13.80 -34.94
C SER A 37 4.07 12.36 -35.37
N TYR A 38 4.76 11.38 -34.78
CA TYR A 38 4.40 9.99 -34.95
C TYR A 38 3.10 9.66 -34.22
N THR A 39 2.92 10.16 -33.01
CA THR A 39 1.65 10.02 -32.29
C THR A 39 0.51 10.73 -33.03
N GLN A 40 0.75 11.94 -33.51
CA GLN A 40 -0.26 12.65 -34.29
C GLN A 40 -0.71 11.82 -35.49
N PHE A 41 0.24 11.20 -36.20
CA PHE A 41 -0.01 10.26 -37.32
C PHE A 41 -0.78 9.01 -36.95
N ILE A 42 -0.30 8.29 -35.94
CA ILE A 42 -0.99 7.12 -35.47
C ILE A 42 -2.43 7.47 -35.05
N GLU A 43 -2.55 8.58 -34.30
CA GLU A 43 -3.82 9.03 -33.72
C GLU A 43 -4.82 9.38 -34.79
N ALA A 44 -4.31 9.89 -35.91
CA ALA A 44 -5.14 10.38 -37.00
C ALA A 44 -5.67 9.23 -37.78
N LEU A 45 -4.88 8.16 -37.82
CA LEU A 45 -5.26 6.93 -38.47
C LEU A 45 -6.24 6.14 -37.64
N ARG A 46 -6.09 6.17 -36.32
CA ARG A 46 -7.08 5.59 -35.37
C ARG A 46 -8.46 6.25 -35.46
N ALA A 47 -8.49 7.56 -35.71
CA ALA A 47 -9.72 8.37 -35.73
C ALA A 47 -10.62 8.09 -36.95
N GLN A 48 -9.99 7.74 -38.07
CA GLN A 48 -10.73 7.37 -39.28
C GLN A 48 -10.99 5.89 -39.36
N LEU A 49 -10.19 5.10 -38.66
CA LEU A 49 -10.47 3.68 -38.56
C LEU A 49 -11.59 3.40 -37.56
N ALA A 50 -11.87 4.34 -36.66
CA ALA A 50 -12.93 4.16 -35.67
C ALA A 50 -14.28 4.33 -36.34
N SER A 51 -15.20 3.36 -36.24
CA SER A 51 -16.61 3.63 -36.47
C SER A 51 -17.10 4.25 -35.17
N GLY A 52 -18.18 4.99 -35.21
CA GLY A 52 -18.65 5.64 -33.98
C GLY A 52 -18.85 4.69 -32.81
N GLU A 53 -19.07 3.40 -33.10
CA GLU A 53 -19.36 2.37 -32.08
C GLU A 53 -18.19 2.13 -31.15
N GLU A 54 -18.45 1.68 -29.93
CA GLU A 54 -17.44 1.65 -28.87
C GLU A 54 -17.79 0.62 -27.82
N PRO A 55 -17.91 -0.66 -28.23
CA PRO A 55 -18.38 -1.76 -27.39
C PRO A 55 -17.53 -1.92 -26.15
N HIS A 56 -18.16 -1.96 -25.00
CA HIS A 56 -17.46 -2.07 -23.73
C HIS A 56 -16.47 -0.93 -23.49
N GLY A 57 -16.55 0.11 -24.31
CA GLY A 57 -15.75 1.31 -24.14
C GLY A 57 -14.48 1.36 -24.97
N ILE A 58 -14.29 0.34 -25.82
CA ILE A 58 -13.16 0.33 -26.71
C ILE A 58 -13.65 0.49 -28.15
N PRO A 59 -13.03 1.41 -28.91
CA PRO A 59 -13.36 1.56 -30.32
C PRO A 59 -13.28 0.25 -31.16
N VAL A 60 -14.24 0.05 -32.04
CA VAL A 60 -14.20 -1.06 -32.95
C VAL A 60 -14.32 -0.50 -34.32
N MET A 61 -13.83 -1.28 -35.28
CA MET A 61 -13.81 -0.92 -36.70
C MET A 61 -15.16 -1.31 -37.33
N ARG A 62 -15.41 -0.75 -38.51
CA ARG A 62 -16.67 -0.92 -39.23
C ARG A 62 -16.82 -2.33 -39.79
N GLU A 63 -18.05 -2.82 -39.83
CA GLU A 63 -18.34 -4.16 -40.31
C GLU A 63 -18.19 -4.20 -41.84
N ARG A 64 -17.53 -5.23 -42.39
CA ARG A 64 -17.34 -5.30 -43.85
C ARG A 64 -18.66 -5.10 -44.67
N SER A 65 -19.72 -5.81 -44.28
CA SER A 65 -21.06 -5.75 -44.97
C SER A 65 -21.80 -4.39 -44.82
N THR A 66 -21.11 -3.45 -44.18
CA THR A 66 -21.60 -2.13 -43.82
C THR A 66 -20.85 -1.03 -44.59
N VAL A 67 -19.66 -1.34 -45.09
CA VAL A 67 -18.84 -0.36 -45.76
C VAL A 67 -18.98 -0.48 -47.28
N PRO A 68 -19.39 0.60 -47.96
CA PRO A 68 -19.40 0.50 -49.42
C PRO A 68 -17.99 0.57 -50.00
N ASP A 69 -17.75 -0.21 -51.05
CA ASP A 69 -16.44 -0.30 -51.73
C ASP A 69 -15.79 1.07 -51.91
N SER A 70 -16.63 2.08 -52.11
CA SER A 70 -16.20 3.44 -52.30
C SER A 70 -15.42 3.99 -51.06
N LYS A 71 -15.84 3.61 -49.85
CA LYS A 71 -15.33 4.17 -48.56
C LYS A 71 -14.51 3.14 -47.80
N ARG A 72 -13.94 2.20 -48.52
CA ARG A 72 -13.36 1.01 -47.91
C ARG A 72 -11.85 1.08 -47.61
N PHE A 73 -11.23 2.21 -47.96
CA PHE A 73 -9.78 2.35 -47.90
C PHE A 73 -9.27 3.67 -47.35
N ILE A 74 -8.18 3.60 -46.60
CA ILE A 74 -7.37 4.78 -46.32
C ILE A 74 -6.02 4.61 -47.01
N LEU A 75 -5.56 5.69 -47.64
CA LEU A 75 -4.25 5.74 -48.26
C LEU A 75 -3.25 6.34 -47.26
N VAL A 76 -2.16 5.62 -46.95
CA VAL A 76 -1.14 6.11 -46.01
C VAL A 76 0.16 6.54 -46.71
N GLU A 77 0.45 7.83 -46.72
CA GLU A 77 1.50 8.35 -47.57
C GLU A 77 2.78 8.53 -46.79
N LEU A 78 3.72 7.61 -46.98
CA LEU A 78 4.97 7.60 -46.23
C LEU A 78 6.12 8.21 -46.98
N SER A 79 6.93 8.97 -46.23
CA SER A 79 8.09 9.72 -46.71
C SER A 79 9.31 9.61 -45.79
N ASN A 80 10.38 10.28 -46.23
CA ASN A 80 11.71 9.72 -46.38
C ASN A 80 12.72 10.83 -46.73
N TRP A 81 14.01 10.50 -46.61
CA TRP A 81 15.06 11.36 -47.14
C TRP A 81 15.32 11.07 -48.62
N ALA A 82 15.68 9.83 -48.95
CA ALA A 82 15.88 9.49 -50.36
C ALA A 82 14.55 9.47 -51.18
N ALA A 83 13.84 10.62 -51.15
CA ALA A 83 12.52 10.85 -51.80
C ALA A 83 12.53 10.60 -53.34
N ASP A 84 11.46 10.87 -54.10
CA ASP A 84 10.87 12.18 -54.16
C ASP A 84 9.38 12.21 -54.41
N SER A 85 8.82 11.02 -54.50
CA SER A 85 7.38 10.85 -54.43
C SER A 85 7.15 9.81 -53.34
N PRO A 86 6.03 9.88 -52.63
CA PRO A 86 5.90 9.07 -51.44
C PRO A 86 5.40 7.68 -51.77
N VAL A 87 5.59 6.74 -50.85
CA VAL A 87 5.04 5.40 -50.98
C VAL A 87 3.65 5.44 -50.36
N THR A 88 2.62 5.05 -51.09
CA THR A 88 1.25 5.12 -50.63
C THR A 88 0.68 3.75 -50.47
N LEU A 89 0.27 3.42 -49.25
CA LEU A 89 -0.30 2.11 -48.95
C LEU A 89 -1.79 2.21 -48.96
N ALA A 90 -2.43 1.19 -49.52
CA ALA A 90 -3.86 1.04 -49.39
C ALA A 90 -4.17 0.19 -48.15
N VAL A 91 -4.81 0.80 -47.16
CA VAL A 91 -5.11 0.21 -45.84
C VAL A 91 -6.60 -0.03 -45.72
N ASP A 92 -6.97 -1.28 -45.46
CA ASP A 92 -8.37 -1.63 -45.46
C ASP A 92 -8.95 -1.14 -44.14
N VAL A 93 -10.07 -0.41 -44.21
CA VAL A 93 -10.67 0.21 -43.01
C VAL A 93 -11.28 -0.83 -42.09
N THR A 94 -11.29 -2.07 -42.55
CA THR A 94 -12.03 -3.16 -41.94
C THR A 94 -11.22 -3.93 -40.91
N ASN A 95 -9.90 -3.88 -41.09
CA ASN A 95 -8.99 -4.65 -40.29
C ASN A 95 -7.61 -4.03 -40.17
N ALA A 96 -7.43 -2.83 -40.75
CA ALA A 96 -6.11 -2.14 -40.93
C ALA A 96 -5.00 -2.91 -41.66
N TYR A 97 -5.40 -3.80 -42.56
CA TYR A 97 -4.51 -4.54 -43.45
C TYR A 97 -3.93 -3.60 -44.47
N VAL A 98 -2.64 -3.77 -44.79
CA VAL A 98 -2.03 -3.13 -45.96
C VAL A 98 -2.20 -4.09 -47.16
N VAL A 99 -3.21 -3.79 -47.99
CA VAL A 99 -3.62 -4.71 -49.04
C VAL A 99 -2.88 -4.44 -50.35
N ALA A 100 -2.37 -3.22 -50.52
CA ALA A 100 -1.63 -2.83 -51.69
C ALA A 100 -0.78 -1.63 -51.34
N TYR A 101 0.11 -1.24 -52.24
CA TYR A 101 0.74 0.06 -52.10
C TYR A 101 1.09 0.59 -53.47
N ARG A 102 1.21 1.92 -53.57
CA ARG A 102 1.55 2.59 -54.81
C ARG A 102 2.93 3.19 -54.70
N THR A 103 3.62 3.18 -55.84
CA THR A 103 4.86 3.89 -56.03
C THR A 103 4.86 4.53 -57.41
N GLY A 104 4.22 5.70 -57.51
CA GLY A 104 4.05 6.36 -58.82
C GLY A 104 2.97 5.74 -59.72
N SER A 105 3.35 5.29 -60.90
CA SER A 105 2.43 4.63 -61.84
C SER A 105 2.19 3.17 -61.50
N GLN A 106 3.10 2.64 -60.68
CA GLN A 106 3.15 1.24 -60.31
C GLN A 106 2.38 0.99 -59.02
N SER A 107 1.48 -0.01 -59.01
CA SER A 107 0.78 -0.45 -57.77
C SER A 107 1.08 -1.93 -57.43
N PHE A 108 1.38 -2.21 -56.17
CA PHE A 108 1.74 -3.58 -55.77
C PHE A 108 0.79 -4.11 -54.75
N PHE A 109 0.24 -5.28 -55.06
CA PHE A 109 -0.83 -5.92 -54.32
C PHE A 109 -0.41 -7.22 -53.65
N LEU A 110 -1.07 -7.53 -52.54
CA LEU A 110 -0.82 -8.75 -51.80
C LEU A 110 -1.79 -9.81 -52.19
N ARG A 111 -1.29 -11.01 -52.46
CA ARG A 111 -2.13 -12.14 -52.85
C ARG A 111 -3.19 -12.29 -51.76
N GLU A 112 -4.38 -12.74 -52.13
CA GLU A 112 -5.42 -12.90 -51.10
C GLU A 112 -6.24 -14.18 -51.19
N ASP A 113 -6.64 -14.69 -50.04
CA ASP A 113 -7.33 -15.97 -49.96
C ASP A 113 -8.76 -15.93 -50.52
N ASN A 114 -9.33 -14.73 -50.65
CA ASN A 114 -10.73 -14.56 -51.08
C ASN A 114 -10.98 -13.29 -51.89
N PRO A 115 -10.70 -13.34 -53.22
CA PRO A 115 -10.77 -12.10 -53.98
C PRO A 115 -12.00 -11.26 -53.64
N ASP A 116 -11.74 -10.08 -53.08
CA ASP A 116 -12.77 -9.14 -52.69
C ASP A 116 -13.10 -8.27 -53.91
N PRO A 117 -14.40 -8.03 -54.18
CA PRO A 117 -14.76 -6.99 -55.16
C PRO A 117 -13.99 -5.63 -55.00
N ALA A 118 -13.94 -5.13 -53.77
CA ALA A 118 -13.28 -3.86 -53.42
C ALA A 118 -11.77 -3.83 -53.71
N ILE A 119 -11.01 -4.78 -53.16
CA ILE A 119 -9.55 -4.86 -53.38
C ILE A 119 -9.14 -4.90 -54.88
N GLU A 120 -9.95 -5.52 -55.72
CA GLU A 120 -9.74 -5.49 -57.16
C GLU A 120 -11.08 -4.95 -57.61
N ASN A 121 -11.34 -3.65 -57.71
CA ASN A 121 -10.63 -2.53 -58.33
C ASN A 121 -10.29 -1.37 -57.37
N LEU A 122 -9.04 -1.33 -56.91
CA LEU A 122 -8.65 -0.40 -55.88
C LEU A 122 -7.84 0.76 -56.42
N LEU A 123 -6.80 0.45 -57.15
CA LEU A 123 -6.01 1.49 -57.75
C LEU A 123 -6.10 1.36 -59.27
N PRO A 124 -7.14 1.95 -59.90
CA PRO A 124 -7.14 1.81 -61.35
C PRO A 124 -6.24 2.91 -61.94
N ASP A 125 -5.86 2.79 -63.22
CA ASP A 125 -4.94 3.75 -63.84
C ASP A 125 -3.55 3.50 -63.22
N THR A 126 -3.04 2.27 -63.31
CA THR A 126 -1.83 1.88 -62.57
C THR A 126 -1.31 0.49 -62.95
N LYS A 127 -0.04 0.22 -62.66
CA LYS A 127 0.63 -1.09 -62.89
C LYS A 127 -0.19 -2.39 -62.67
N ARG A 128 -0.62 -2.60 -61.43
CA ARG A 128 -1.11 -3.92 -60.98
C ARG A 128 -0.11 -5.04 -61.17
N TYR A 129 0.67 -5.27 -60.12
CA TYR A 129 1.45 -6.48 -59.96
C TYR A 129 0.94 -7.10 -58.68
N THR A 130 0.89 -8.42 -58.60
CA THR A 130 0.56 -9.13 -57.36
C THR A 130 1.73 -10.02 -56.95
N PHE A 131 2.07 -9.97 -55.66
CA PHE A 131 3.11 -10.83 -55.11
C PHE A 131 2.56 -12.25 -55.04
N PRO A 132 3.46 -13.28 -55.03
CA PRO A 132 2.95 -14.62 -54.85
C PRO A 132 2.65 -14.97 -53.35
N PHE A 133 2.80 -13.99 -52.45
CA PHE A 133 2.55 -14.12 -51.00
C PHE A 133 1.45 -13.19 -50.43
N SER A 134 0.84 -13.60 -49.32
CA SER A 134 -0.20 -12.83 -48.67
C SER A 134 0.39 -11.84 -47.68
N GLY A 135 -0.45 -10.94 -47.14
CA GLY A 135 -0.01 -9.92 -46.18
C GLY A 135 0.18 -10.45 -44.77
N SER A 136 -0.09 -11.73 -44.59
CA SER A 136 -0.02 -12.38 -43.29
C SER A 136 1.46 -12.50 -42.91
N TYR A 137 1.75 -12.70 -41.64
CA TYR A 137 3.11 -12.75 -41.17
C TYR A 137 3.76 -14.05 -41.54
N THR A 138 3.04 -15.16 -41.45
CA THR A 138 3.61 -16.46 -41.81
C THR A 138 4.19 -16.43 -43.23
N ASP A 139 3.39 -15.87 -44.15
CA ASP A 139 3.82 -15.63 -45.50
C ASP A 139 4.99 -14.63 -45.58
N LEU A 140 4.88 -13.47 -44.96
CA LEU A 140 5.88 -12.43 -45.13
C LEU A 140 7.23 -12.88 -44.56
N GLU A 141 7.20 -13.54 -43.41
CA GLU A 141 8.42 -14.07 -42.81
C GLU A 141 9.04 -15.12 -43.71
N ARG A 142 8.21 -15.98 -44.25
CA ARG A 142 8.59 -17.04 -45.18
C ARG A 142 9.43 -16.45 -46.31
N VAL A 143 8.86 -15.44 -46.98
CA VAL A 143 9.47 -14.79 -48.16
C VAL A 143 10.68 -13.93 -47.77
N ALA A 144 10.57 -13.29 -46.61
CA ALA A 144 11.62 -12.47 -46.04
C ALA A 144 12.82 -13.25 -45.52
N GLY A 145 12.61 -14.49 -45.12
CA GLY A 145 13.67 -15.37 -44.69
C GLY A 145 14.13 -15.09 -43.28
N GLU A 146 13.35 -14.30 -42.54
CA GLU A 146 13.53 -14.11 -41.11
C GLU A 146 12.20 -13.87 -40.38
N ARG A 147 12.23 -13.96 -39.07
CA ARG A 147 11.06 -13.79 -38.23
C ARG A 147 10.89 -12.33 -37.84
N ARG A 148 9.74 -12.00 -37.25
CA ARG A 148 9.51 -10.65 -36.74
C ARG A 148 10.49 -10.29 -35.63
N GLU A 149 10.80 -11.27 -34.79
CA GLU A 149 11.70 -11.04 -33.65
C GLU A 149 13.18 -10.86 -34.04
N GLU A 150 13.48 -11.03 -35.33
CA GLU A 150 14.84 -10.86 -35.84
C GLU A 150 15.08 -9.56 -36.63
N ILE A 151 14.00 -8.91 -37.08
CA ILE A 151 14.06 -7.61 -37.80
C ILE A 151 14.04 -6.36 -36.86
N LEU A 152 15.03 -5.48 -36.99
CA LEU A 152 15.09 -4.25 -36.21
C LEU A 152 13.97 -3.32 -36.62
N LEU A 153 13.38 -2.67 -35.63
CA LEU A 153 12.34 -1.68 -35.89
C LEU A 153 12.80 -0.29 -35.43
N GLY A 154 12.26 0.76 -36.04
CA GLY A 154 12.69 2.08 -35.67
C GLY A 154 12.74 2.99 -36.86
N MET A 155 13.28 4.20 -36.67
CA MET A 155 13.32 5.19 -37.75
C MET A 155 14.17 4.74 -38.90
N ASP A 156 15.41 4.30 -38.65
CA ASP A 156 16.30 3.83 -39.73
C ASP A 156 15.65 2.67 -40.48
N PRO A 157 15.26 1.58 -39.76
CA PRO A 157 14.56 0.50 -40.45
C PRO A 157 13.38 0.95 -41.32
N LEU A 158 12.56 1.87 -40.82
CA LEU A 158 11.43 2.43 -41.58
C LEU A 158 11.89 3.26 -42.76
N GLU A 159 12.93 4.06 -42.54
CA GLU A 159 13.60 4.82 -43.58
C GLU A 159 14.12 3.90 -44.68
N ASN A 160 14.75 2.77 -44.33
CA ASN A 160 15.14 1.76 -45.37
C ASN A 160 13.95 1.01 -46.00
N ALA A 161 12.98 0.61 -45.18
CA ALA A 161 11.79 -0.08 -45.67
C ALA A 161 11.04 0.76 -46.71
N ILE A 162 10.87 2.05 -46.43
CA ILE A 162 10.25 3.00 -47.37
C ILE A 162 11.04 3.10 -48.68
N SER A 163 12.36 3.28 -48.58
CA SER A 163 13.21 3.34 -49.78
C SER A 163 13.03 2.10 -50.62
N ALA A 164 13.05 0.93 -49.99
CA ALA A 164 12.99 -0.36 -50.71
C ALA A 164 11.64 -0.64 -51.34
N LEU A 165 10.58 -0.12 -50.72
CA LEU A 165 9.21 -0.18 -51.27
C LEU A 165 9.00 0.91 -52.33
N TRP A 166 9.85 1.93 -52.31
CA TRP A 166 9.81 2.93 -53.36
C TRP A 166 10.33 2.33 -54.66
N ILE A 167 11.55 1.80 -54.60
CA ILE A 167 12.20 1.16 -55.74
C ILE A 167 11.36 0.01 -56.28
N SER A 168 10.88 -0.84 -55.36
CA SER A 168 10.12 -2.04 -55.71
C SER A 168 10.75 -2.90 -56.80
N ASN A 169 11.99 -3.33 -56.55
CA ASN A 169 12.79 -4.18 -57.42
C ASN A 169 12.31 -5.63 -57.31
N LEU A 170 11.58 -6.12 -58.32
CA LEU A 170 10.97 -7.48 -58.26
C LEU A 170 11.96 -8.66 -58.31
N ASN A 171 13.22 -8.38 -58.59
CA ASN A 171 14.21 -9.42 -58.46
C ASN A 171 14.71 -9.48 -57.02
N GLN A 172 14.32 -8.51 -56.17
CA GLN A 172 14.69 -8.53 -54.74
C GLN A 172 13.69 -9.31 -53.85
N GLN A 173 12.54 -8.72 -53.53
CA GLN A 173 11.38 -9.47 -53.02
C GLN A 173 11.47 -10.05 -51.62
N ARG A 174 12.58 -10.74 -51.33
CA ARG A 174 12.95 -11.09 -49.95
C ARG A 174 12.88 -9.82 -49.08
N ALA A 175 13.51 -8.75 -49.59
CA ALA A 175 13.58 -7.47 -48.92
C ALA A 175 12.30 -6.63 -49.02
N LEU A 176 11.46 -6.92 -50.01
CA LEU A 176 10.17 -6.25 -50.11
C LEU A 176 9.26 -6.74 -48.98
N ALA A 177 9.30 -8.05 -48.77
CA ALA A 177 8.54 -8.69 -47.74
C ALA A 177 9.07 -8.34 -46.36
N ARG A 178 10.41 -8.24 -46.23
CA ARG A 178 11.00 -7.79 -44.98
C ARG A 178 10.41 -6.44 -44.70
N SER A 179 10.39 -5.61 -45.75
CA SER A 179 10.05 -4.20 -45.61
C SER A 179 8.62 -3.98 -45.19
N LEU A 180 7.74 -4.83 -45.68
CA LEU A 180 6.36 -4.74 -45.29
C LEU A 180 6.17 -5.12 -43.81
N ILE A 181 7.01 -6.03 -43.32
CA ILE A 181 7.04 -6.39 -41.90
C ILE A 181 7.41 -5.20 -41.00
N VAL A 182 8.42 -4.42 -41.41
CA VAL A 182 8.75 -3.17 -40.76
C VAL A 182 7.54 -2.25 -40.75
N VAL A 183 7.01 -1.98 -41.94
CA VAL A 183 5.91 -1.01 -42.15
C VAL A 183 4.62 -1.41 -41.43
N ILE A 184 4.13 -2.64 -41.60
CA ILE A 184 2.88 -3.06 -40.94
C ILE A 184 2.96 -2.93 -39.41
N GLN A 185 4.13 -3.27 -38.87
CA GLN A 185 4.31 -3.25 -37.43
C GLN A 185 4.29 -1.82 -36.90
N MET A 186 4.97 -0.93 -37.63
CA MET A 186 5.14 0.46 -37.25
C MET A 186 3.95 1.38 -37.54
N VAL A 187 2.99 0.89 -38.32
CA VAL A 187 1.80 1.64 -38.61
C VAL A 187 0.59 0.89 -38.00
N ALA A 188 0.20 -0.22 -38.64
CA ALA A 188 -1.04 -0.97 -38.32
C ALA A 188 -1.03 -1.49 -36.90
N GLU A 189 0.02 -2.20 -36.50
CA GLU A 189 0.13 -2.69 -35.13
C GLU A 189 0.11 -1.58 -34.08
N ALA A 190 0.87 -0.53 -34.32
CA ALA A 190 0.87 0.63 -33.45
C ALA A 190 -0.51 1.29 -33.33
N VAL A 191 -1.27 1.28 -34.42
CA VAL A 191 -2.60 1.83 -34.42
C VAL A 191 -3.42 1.07 -33.40
N ARG A 192 -3.27 -0.26 -33.43
CA ARG A 192 -4.06 -1.18 -32.61
C ARG A 192 -3.68 -1.15 -31.14
N PHE A 193 -2.39 -1.00 -30.83
CA PHE A 193 -1.92 -1.08 -29.46
C PHE A 193 -1.11 0.12 -29.09
N ARG A 194 -1.46 0.78 -27.98
CA ARG A 194 -0.63 1.87 -27.45
C ARG A 194 0.73 1.40 -26.89
N PHE A 195 0.81 0.11 -26.60
CA PHE A 195 1.99 -0.58 -26.13
C PHE A 195 3.01 -0.59 -27.16
N ILE A 196 2.63 -0.88 -28.40
CA ILE A 196 3.66 -0.91 -29.44
C ILE A 196 3.89 0.49 -29.96
N GLU A 197 2.87 1.32 -29.90
CA GLU A 197 3.06 2.73 -30.23
C GLU A 197 4.14 3.33 -29.30
N TYR A 198 4.07 2.96 -28.02
CA TYR A 198 5.07 3.38 -27.08
C TYR A 198 6.45 2.98 -27.55
N ARG A 199 6.63 1.72 -27.96
CA ARG A 199 7.97 1.20 -28.36
C ARG A 199 8.65 2.05 -29.44
N VAL A 200 7.86 2.51 -30.41
CA VAL A 200 8.36 3.29 -31.55
C VAL A 200 8.68 4.71 -31.15
N ARG A 201 7.86 5.28 -30.26
CA ARG A 201 8.11 6.60 -29.68
C ARG A 201 9.46 6.62 -29.00
N GLU A 202 9.84 5.49 -28.41
CA GLU A 202 11.08 5.39 -27.66
C GLU A 202 12.24 5.21 -28.62
N SER A 203 11.93 4.69 -29.81
CA SER A 203 12.88 4.60 -30.90
C SER A 203 13.21 6.00 -31.40
N ILE A 204 12.20 6.83 -31.53
CA ILE A 204 12.40 8.17 -31.99
C ILE A 204 13.07 9.06 -30.95
N SER A 205 12.69 8.94 -29.68
CA SER A 205 13.30 9.75 -28.64
C SER A 205 14.77 9.43 -28.45
N ARG A 206 15.12 8.15 -28.34
CA ARG A 206 16.53 7.75 -28.11
C ARG A 206 17.32 7.44 -29.35
N ALA A 207 16.70 7.59 -30.51
CA ALA A 207 17.21 7.11 -31.81
C ALA A 207 17.91 5.75 -31.68
N GLU A 208 17.19 4.79 -31.13
CA GLU A 208 17.70 3.44 -30.88
C GLU A 208 16.72 2.43 -31.42
N MET A 209 17.17 1.69 -32.44
CA MET A 209 16.37 0.66 -33.06
C MET A 209 16.13 -0.45 -32.06
N PHE A 210 15.04 -1.18 -32.25
CA PHE A 210 14.65 -2.26 -31.38
C PHE A 210 14.09 -3.50 -32.11
N ARG A 211 14.31 -4.67 -31.51
CA ARG A 211 13.72 -5.90 -31.96
C ARG A 211 12.39 -6.06 -31.27
N PRO A 212 11.38 -6.61 -31.96
CA PRO A 212 10.11 -6.91 -31.28
C PRO A 212 10.22 -7.94 -30.13
N ASP A 213 9.97 -7.48 -28.91
CA ASP A 213 9.93 -8.31 -27.68
C ASP A 213 8.65 -9.16 -27.62
N PRO A 214 8.69 -10.30 -26.88
CA PRO A 214 7.59 -11.25 -26.85
C PRO A 214 6.21 -10.71 -26.45
N ALA A 215 6.15 -9.54 -25.85
CA ALA A 215 4.87 -8.92 -25.50
C ALA A 215 4.22 -8.37 -26.75
N MET A 216 5.00 -7.58 -27.49
CA MET A 216 4.60 -7.04 -28.76
C MET A 216 4.20 -8.12 -29.77
N LEU A 217 4.90 -9.25 -29.78
CA LEU A 217 4.53 -10.31 -30.70
C LEU A 217 3.22 -10.94 -30.32
N SER A 218 2.98 -11.09 -29.03
CA SER A 218 1.73 -11.67 -28.53
C SER A 218 0.55 -10.72 -28.72
N LEU A 219 0.77 -9.42 -28.53
CA LEU A 219 -0.27 -8.47 -28.85
C LEU A 219 -0.63 -8.62 -30.30
N GLU A 220 0.36 -8.60 -31.19
CA GLU A 220 0.07 -8.73 -32.62
C GLU A 220 -0.63 -10.07 -32.93
N ASN A 221 -0.10 -11.18 -32.40
CA ASN A 221 -0.76 -12.49 -32.53
C ASN A 221 -2.20 -12.61 -31.95
N LYS A 222 -2.45 -12.00 -30.80
CA LYS A 222 -3.72 -12.12 -30.15
C LYS A 222 -4.66 -10.93 -30.36
N TRP A 223 -4.39 -10.12 -31.37
CA TRP A 223 -5.25 -8.97 -31.62
C TRP A 223 -6.64 -9.43 -31.94
N SER A 224 -6.75 -10.36 -32.89
CA SER A 224 -8.02 -10.95 -33.26
C SER A 224 -8.74 -11.59 -32.03
N ALA A 225 -8.03 -12.42 -31.27
CA ALA A 225 -8.60 -13.06 -30.09
C ALA A 225 -9.11 -12.07 -29.04
N LEU A 226 -8.34 -11.01 -28.81
CA LEU A 226 -8.69 -9.97 -27.82
C LEU A 226 -9.98 -9.27 -28.20
N SER A 227 -10.15 -9.00 -29.49
CA SER A 227 -11.37 -8.37 -29.97
C SER A 227 -12.52 -9.33 -29.73
N ASN A 228 -12.30 -10.59 -30.11
CA ASN A 228 -13.30 -11.61 -29.95
C ASN A 228 -13.69 -11.76 -28.51
N ALA A 229 -12.72 -11.86 -27.62
CA ALA A 229 -13.00 -12.00 -26.19
C ALA A 229 -13.79 -10.84 -25.66
N VAL A 230 -13.35 -9.61 -25.91
CA VAL A 230 -14.03 -8.40 -25.45
C VAL A 230 -15.47 -8.30 -25.96
N GLN A 231 -15.65 -8.45 -27.27
CA GLN A 231 -16.99 -8.38 -27.89
C GLN A 231 -17.94 -9.45 -27.39
N GLN A 232 -17.47 -10.69 -27.34
CA GLN A 232 -18.29 -11.81 -26.87
C GLN A 232 -18.33 -11.94 -25.33
N SER A 233 -17.89 -10.91 -24.61
CA SER A 233 -17.96 -10.93 -23.16
C SER A 233 -19.38 -10.62 -22.66
N ASN A 234 -19.67 -10.92 -21.39
CA ASN A 234 -20.96 -10.58 -20.81
C ASN A 234 -21.03 -9.10 -20.56
N GLN A 235 -22.20 -8.61 -20.16
CA GLN A 235 -22.29 -7.19 -19.83
C GLN A 235 -21.58 -6.97 -18.52
N GLY A 236 -20.45 -6.30 -18.59
CA GLY A 236 -19.58 -6.29 -17.43
C GLY A 236 -18.17 -6.59 -17.86
N GLY A 237 -18.02 -7.23 -19.01
CA GLY A 237 -16.74 -7.33 -19.66
C GLY A 237 -15.92 -8.53 -19.27
N VAL A 238 -16.56 -9.48 -18.61
CA VAL A 238 -15.94 -10.75 -18.19
C VAL A 238 -15.89 -11.70 -19.37
N PHE A 239 -14.71 -12.26 -19.65
CA PHE A 239 -14.50 -13.11 -20.83
C PHE A 239 -15.04 -14.47 -20.49
N SER A 240 -15.47 -15.24 -21.48
CA SER A 240 -15.82 -16.62 -21.20
C SER A 240 -14.59 -17.52 -21.12
N SER A 241 -13.56 -17.17 -21.89
CA SER A 241 -12.26 -17.82 -21.85
C SER A 241 -11.22 -16.72 -21.76
N PRO A 242 -10.18 -16.91 -20.88
CA PRO A 242 -9.02 -16.01 -20.94
C PRO A 242 -8.26 -16.06 -22.28
N VAL A 243 -7.62 -14.95 -22.62
CA VAL A 243 -6.76 -14.84 -23.78
C VAL A 243 -5.37 -14.79 -23.18
N GLU A 244 -4.44 -15.58 -23.72
CA GLU A 244 -3.07 -15.63 -23.16
C GLU A 244 -2.10 -14.72 -23.91
N LEU A 245 -1.65 -13.65 -23.23
CA LEU A 245 -0.64 -12.71 -23.76
C LEU A 245 0.76 -13.05 -23.20
N ARG A 246 1.75 -12.21 -23.49
CA ARG A 246 3.09 -12.37 -22.97
C ARG A 246 3.61 -11.05 -22.47
N SER A 247 4.63 -11.10 -21.61
CA SER A 247 5.28 -9.91 -21.04
C SER A 247 6.65 -9.74 -21.68
N ILE A 248 7.34 -8.63 -21.47
CA ILE A 248 8.71 -8.58 -21.96
C ILE A 248 9.55 -9.38 -20.98
N SER A 249 10.29 -10.37 -21.49
CA SER A 249 10.70 -11.60 -20.78
C SER A 249 9.50 -12.49 -21.00
N ASN A 250 9.61 -13.80 -20.98
CA ASN A 250 8.54 -14.54 -21.65
C ASN A 250 7.36 -15.01 -20.76
N LYS A 251 7.12 -14.27 -19.67
CA LYS A 251 6.12 -14.69 -18.65
C LYS A 251 4.69 -14.60 -19.18
N PRO A 252 3.84 -15.64 -18.96
CA PRO A 252 2.44 -15.67 -19.45
C PRO A 252 1.55 -14.62 -18.76
N VAL A 253 0.76 -13.89 -19.53
CA VAL A 253 -0.19 -12.90 -19.01
C VAL A 253 -1.61 -13.31 -19.39
N TYR A 254 -2.42 -13.61 -18.37
CA TYR A 254 -3.77 -14.06 -18.61
C TYR A 254 -4.76 -12.91 -18.47
N VAL A 255 -5.58 -12.70 -19.51
CA VAL A 255 -6.54 -11.62 -19.58
C VAL A 255 -7.97 -12.17 -19.56
N GLY A 256 -8.71 -11.77 -18.52
CA GLY A 256 -10.06 -12.30 -18.27
C GLY A 256 -11.22 -11.33 -18.36
N SER A 257 -10.96 -10.08 -18.73
CA SER A 257 -12.01 -9.08 -18.82
C SER A 257 -11.56 -7.79 -19.50
N VAL A 258 -12.52 -7.00 -19.97
CA VAL A 258 -12.20 -5.68 -20.52
C VAL A 258 -11.54 -4.83 -19.47
N SER A 259 -11.89 -5.10 -18.21
CA SER A 259 -11.46 -4.28 -17.07
C SER A 259 -10.04 -4.56 -16.62
N ASP A 260 -9.41 -5.66 -17.09
CA ASP A 260 -7.97 -5.93 -16.83
C ASP A 260 -7.18 -4.76 -17.33
N ARG A 261 -6.20 -4.34 -16.55
CA ARG A 261 -5.56 -3.04 -16.76
C ARG A 261 -4.75 -3.01 -18.05
N VAL A 262 -4.15 -4.15 -18.40
CA VAL A 262 -3.45 -4.33 -19.67
C VAL A 262 -4.35 -4.04 -20.90
N ILE A 263 -5.65 -4.34 -20.82
CA ILE A 263 -6.62 -4.05 -21.88
C ILE A 263 -6.64 -2.58 -22.28
N SER A 264 -6.18 -1.69 -21.40
CA SER A 264 -6.27 -0.23 -21.66
C SER A 264 -5.39 0.19 -22.82
N GLY A 265 -4.41 -0.65 -23.12
CA GLY A 265 -3.52 -0.41 -24.23
C GLY A 265 -4.07 -0.90 -25.55
N LEU A 266 -5.21 -1.56 -25.51
CA LEU A 266 -5.88 -2.01 -26.72
C LEU A 266 -6.68 -0.83 -27.27
N ALA A 267 -6.13 -0.14 -28.28
CA ALA A 267 -6.70 1.08 -28.84
C ALA A 267 -7.94 0.85 -29.70
N ILE A 268 -7.86 -0.15 -30.58
CA ILE A 268 -8.91 -0.38 -31.55
C ILE A 268 -9.03 -1.88 -31.95
N MET A 269 -10.28 -2.35 -31.99
CA MET A 269 -10.57 -3.75 -32.21
C MET A 269 -11.05 -4.03 -33.61
N LEU A 270 -10.81 -5.26 -34.07
CA LEU A 270 -11.48 -5.83 -35.24
C LEU A 270 -12.99 -5.92 -34.96
N PHE A 271 -13.80 -5.79 -36.01
CA PHE A 271 -15.22 -6.14 -35.89
C PHE A 271 -15.45 -7.66 -35.84
N ILE A 272 -16.12 -8.11 -34.78
CA ILE A 272 -16.48 -9.52 -34.60
C ILE A 272 -18.00 -9.70 -34.65
N CYS A 273 -18.69 -8.88 -33.87
CA CYS A 273 -20.13 -8.97 -33.75
C CYS A 273 -20.72 -7.78 -32.97
N ARG A 274 -22.05 -7.58 -32.97
CA ARG A 274 -22.70 -6.58 -32.08
C ARG A 274 -23.30 -7.19 -30.81
N SER A 275 -23.00 -6.60 -29.67
CA SER A 275 -23.43 -7.11 -28.35
C SER A 275 -24.94 -7.20 -28.17
N THR A 276 -25.38 -8.10 -27.29
CA THR A 276 -26.82 -8.26 -26.97
C THR A 276 -27.19 -7.66 -25.59
N ASN A 307 -26.41 -16.78 -39.94
CA ASN A 307 -25.11 -17.45 -39.81
C ASN A 307 -24.23 -16.66 -38.86
N ASP A 308 -24.87 -15.76 -38.13
CA ASP A 308 -24.17 -15.10 -37.07
C ASP A 308 -24.88 -14.56 -35.87
N ASP A 309 -24.59 -15.26 -34.78
CA ASP A 309 -24.97 -14.79 -33.48
C ASP A 309 -24.49 -13.38 -33.05
N THR A 310 -25.08 -12.33 -33.63
CA THR A 310 -24.90 -10.94 -33.17
C THR A 310 -23.83 -10.79 -32.08
N CYS A 311 -23.97 -11.42 -30.90
CA CYS A 311 -22.80 -11.74 -30.02
C CYS A 311 -23.29 -12.62 -28.88
N ALA A 312 -22.58 -13.70 -28.57
CA ALA A 312 -22.95 -14.53 -27.42
C ALA A 312 -22.99 -13.72 -26.11
N ASP A 313 -23.88 -14.07 -25.19
CA ASP A 313 -23.85 -13.49 -23.84
C ASP A 313 -23.56 -14.62 -22.87
N PRO A 314 -22.28 -14.83 -22.51
CA PRO A 314 -22.00 -16.02 -21.78
C PRO A 314 -22.26 -15.83 -20.32
N GLU A 315 -22.22 -16.93 -19.58
CA GLU A 315 -22.34 -16.90 -18.15
C GLU A 315 -21.09 -17.55 -17.56
N PRO A 316 -20.01 -16.75 -17.42
CA PRO A 316 -18.74 -17.28 -16.95
C PRO A 316 -18.71 -17.47 -15.45
N THR A 317 -17.99 -18.50 -15.06
CA THR A 317 -17.66 -18.73 -13.68
C THR A 317 -16.22 -18.24 -13.38
N VAL A 318 -16.13 -17.22 -12.52
CA VAL A 318 -14.85 -16.57 -12.20
C VAL A 318 -14.66 -16.30 -10.69
N ARG A 319 -13.44 -16.03 -10.29
CA ARG A 319 -13.21 -15.53 -8.96
C ARG A 319 -13.60 -14.09 -8.98
N ILE A 320 -13.93 -13.51 -7.83
CA ILE A 320 -14.12 -12.06 -7.71
C ILE A 320 -13.13 -11.55 -6.65
N SER A 321 -12.14 -10.75 -7.08
CA SER A 321 -11.16 -10.16 -6.19
C SER A 321 -11.38 -8.66 -6.04
N GLY A 322 -11.01 -8.14 -4.87
CA GLY A 322 -11.22 -6.73 -4.56
C GLY A 322 -10.27 -6.29 -3.49
N ARG A 323 -10.77 -5.51 -2.53
CA ARG A 323 -9.99 -5.02 -1.39
C ARG A 323 -8.72 -5.82 -0.99
N ASN A 324 -7.54 -5.22 -1.22
CA ASN A 324 -6.26 -5.78 -0.75
C ASN A 324 -5.91 -7.06 -1.49
N GLY A 325 -6.58 -7.29 -2.62
CA GLY A 325 -6.37 -8.48 -3.45
C GLY A 325 -7.08 -9.72 -2.96
N LEU A 326 -7.87 -9.58 -1.92
CA LEU A 326 -8.62 -10.68 -1.34
C LEU A 326 -9.83 -11.06 -2.20
N CYS A 327 -10.38 -12.24 -1.94
CA CYS A 327 -11.47 -12.83 -2.73
C CYS A 327 -12.78 -12.91 -1.97
N VAL A 328 -13.87 -12.59 -2.68
CA VAL A 328 -15.26 -12.86 -2.29
C VAL A 328 -15.41 -14.35 -1.99
N ARG A 329 -15.63 -14.68 -0.72
CA ARG A 329 -15.65 -16.09 -0.25
C ARG A 329 -16.85 -16.50 0.63
N VAL A 330 -17.47 -17.64 0.31
CA VAL A 330 -18.58 -18.16 1.13
C VAL A 330 -18.01 -18.78 2.40
N ARG A 331 -18.26 -18.10 3.53
CA ARG A 331 -17.55 -18.36 4.78
C ARG A 331 -17.52 -19.85 5.16
N ASP A 332 -16.32 -20.34 5.49
CA ASP A 332 -16.05 -21.76 5.83
C ASP A 332 -16.58 -22.78 4.83
N GLY A 333 -16.85 -22.35 3.61
CA GLY A 333 -17.40 -23.25 2.61
C GLY A 333 -18.80 -23.80 2.90
N LYS A 334 -19.57 -23.10 3.75
CA LYS A 334 -20.88 -23.58 4.20
C LYS A 334 -22.03 -22.89 3.46
N TYR A 335 -23.04 -23.67 3.05
CA TYR A 335 -24.12 -23.15 2.18
C TYR A 335 -25.53 -23.13 2.78
N ASN A 336 -25.59 -23.29 4.10
CA ASN A 336 -26.83 -23.07 4.80
C ASN A 336 -27.23 -21.64 4.55
N ASN A 337 -28.54 -21.43 4.38
CA ASN A 337 -29.11 -20.09 4.20
C ASN A 337 -28.73 -19.05 5.26
N GLY A 338 -28.16 -17.92 4.83
CA GLY A 338 -27.96 -16.75 5.68
C GLY A 338 -26.54 -16.58 6.15
N ASN A 339 -25.77 -17.60 5.78
CA ASN A 339 -24.36 -17.69 6.04
C ASN A 339 -23.62 -16.58 5.28
N PRO A 340 -22.82 -15.77 6.01
CA PRO A 340 -22.07 -14.62 5.46
C PRO A 340 -21.09 -14.87 4.27
N ILE A 341 -20.90 -13.82 3.46
CA ILE A 341 -19.93 -13.77 2.36
C ILE A 341 -18.82 -12.81 2.82
N GLN A 342 -17.56 -13.24 2.70
CA GLN A 342 -16.46 -12.53 3.36
C GLN A 342 -15.24 -12.27 2.47
N LEU A 343 -14.28 -11.54 3.01
CA LEU A 343 -12.95 -11.45 2.39
C LEU A 343 -12.04 -12.64 2.78
N TRP A 344 -11.26 -13.16 1.83
CA TRP A 344 -10.35 -14.27 2.11
C TRP A 344 -9.35 -14.40 0.98
N PRO A 345 -8.06 -14.75 1.26
CA PRO A 345 -7.05 -14.91 0.19
C PRO A 345 -7.56 -15.78 -0.95
N CYS A 346 -7.09 -15.49 -2.16
CA CYS A 346 -7.55 -16.23 -3.35
C CYS A 346 -6.86 -17.58 -3.49
N LYS A 347 -7.66 -18.62 -3.69
CA LYS A 347 -7.20 -19.99 -3.49
C LYS A 347 -6.51 -20.68 -4.67
N GLN A 348 -6.78 -20.22 -5.88
CA GLN A 348 -6.09 -20.78 -7.05
C GLN A 348 -6.31 -22.29 -7.29
N ASN A 349 -6.91 -22.98 -6.33
CA ASN A 349 -7.42 -24.34 -6.55
C ASN A 349 -8.84 -24.30 -7.21
N SER A 350 -9.72 -25.23 -6.87
CA SER A 350 -11.04 -25.29 -7.50
C SER A 350 -12.14 -25.57 -6.51
N ASP A 351 -11.87 -25.34 -5.22
CA ASP A 351 -12.91 -25.31 -4.20
C ASP A 351 -13.99 -24.33 -4.64
N VAL A 352 -15.25 -24.75 -4.50
CA VAL A 352 -16.43 -24.08 -5.09
C VAL A 352 -16.81 -22.73 -4.43
N ASN A 353 -16.30 -22.51 -3.20
CA ASN A 353 -16.72 -21.41 -2.33
C ASN A 353 -16.15 -20.03 -2.68
N GLN A 354 -15.36 -20.01 -3.75
CA GLN A 354 -14.73 -18.80 -4.25
C GLN A 354 -15.03 -18.61 -5.73
N LEU A 355 -15.90 -19.45 -6.28
CA LEU A 355 -16.25 -19.35 -7.69
C LEU A 355 -17.70 -18.94 -7.90
N TRP A 356 -17.88 -17.96 -8.78
CA TRP A 356 -19.17 -17.32 -8.96
C TRP A 356 -19.57 -17.33 -10.41
N THR A 357 -20.70 -17.96 -10.70
CA THR A 357 -21.29 -17.89 -12.03
C THR A 357 -22.10 -16.61 -12.09
N LEU A 358 -21.68 -15.75 -13.01
CA LEU A 358 -22.31 -14.47 -13.30
C LEU A 358 -23.36 -14.76 -14.37
N ARG A 359 -24.59 -14.98 -13.92
CA ARG A 359 -25.70 -15.37 -14.79
C ARG A 359 -26.39 -14.15 -15.42
N ARG A 360 -27.05 -14.39 -16.54
CA ARG A 360 -27.70 -13.37 -17.33
C ARG A 360 -28.87 -12.71 -16.59
N ASP A 361 -29.53 -13.45 -15.71
CA ASP A 361 -30.66 -12.89 -14.97
C ASP A 361 -30.22 -11.83 -13.95
N GLY A 362 -28.90 -11.64 -13.85
CA GLY A 362 -28.27 -10.71 -12.91
C GLY A 362 -27.88 -11.33 -11.58
N THR A 363 -28.14 -12.62 -11.36
CA THR A 363 -27.70 -13.28 -10.14
C THR A 363 -26.25 -13.68 -10.19
N ILE A 364 -25.66 -13.82 -9.01
CA ILE A 364 -24.29 -14.27 -8.87
C ILE A 364 -24.30 -15.53 -8.00
N ARG A 365 -23.83 -16.64 -8.56
CA ARG A 365 -24.06 -17.97 -7.97
C ARG A 365 -22.79 -18.74 -7.62
N SER A 366 -22.79 -19.33 -6.43
CA SER A 366 -21.75 -20.25 -6.03
C SER A 366 -22.41 -21.51 -5.58
N ASN A 367 -21.92 -22.66 -6.05
CA ASN A 367 -22.55 -23.96 -5.82
C ASN A 367 -23.94 -24.00 -6.47
N GLY A 368 -24.99 -24.13 -5.67
CA GLY A 368 -26.31 -23.97 -6.23
C GLY A 368 -27.00 -22.67 -5.89
N LYS A 369 -26.45 -21.92 -4.92
CA LYS A 369 -27.16 -20.80 -4.27
C LYS A 369 -26.70 -19.42 -4.74
N CYS A 370 -27.47 -18.39 -4.41
CA CYS A 370 -27.27 -17.06 -4.98
C CYS A 370 -26.64 -16.06 -4.01
N LEU A 371 -25.75 -15.18 -4.49
CA LEU A 371 -25.27 -14.05 -3.68
C LEU A 371 -26.45 -13.10 -3.42
N THR A 372 -26.73 -12.85 -2.14
CA THR A 372 -27.95 -12.19 -1.69
C THR A 372 -27.72 -11.13 -0.61
N THR A 373 -28.44 -10.01 -0.69
CA THR A 373 -28.35 -8.99 0.34
C THR A 373 -29.41 -9.28 1.41
N ASN A 374 -29.06 -9.05 2.68
CA ASN A 374 -29.94 -9.36 3.81
C ASN A 374 -30.98 -8.30 4.01
N GLY A 375 -30.81 -7.19 3.29
CA GLY A 375 -31.70 -6.06 3.41
C GLY A 375 -31.20 -4.89 2.57
N TYR A 376 -32.01 -3.84 2.47
CA TYR A 376 -31.72 -2.73 1.58
C TYR A 376 -31.24 -1.47 2.31
N SER A 377 -30.44 -1.63 3.36
CA SER A 377 -29.97 -0.49 4.11
C SER A 377 -28.46 -0.44 4.26
N ALA A 378 -27.91 0.77 4.13
CA ALA A 378 -26.51 1.01 4.49
C ALA A 378 -26.18 0.21 5.76
N GLY A 379 -25.30 -0.77 5.62
CA GLY A 379 -24.76 -1.49 6.75
C GLY A 379 -25.19 -2.93 6.80
N ASP A 380 -26.23 -3.28 6.06
CA ASP A 380 -26.71 -4.66 6.03
C ASP A 380 -25.70 -5.62 5.37
N TYR A 381 -25.67 -6.88 5.81
CA TYR A 381 -24.61 -7.80 5.38
C TYR A 381 -25.07 -8.63 4.19
N VAL A 382 -24.11 -9.08 3.36
CA VAL A 382 -24.36 -9.96 2.20
C VAL A 382 -24.06 -11.44 2.54
N MET A 383 -24.90 -12.34 2.03
CA MET A 383 -24.91 -13.73 2.46
C MET A 383 -25.14 -14.67 1.28
N ILE A 384 -25.01 -15.98 1.52
CA ILE A 384 -25.52 -16.97 0.58
C ILE A 384 -26.96 -17.37 0.95
N TYR A 385 -27.81 -17.50 -0.06
CA TYR A 385 -29.19 -17.90 0.14
C TYR A 385 -29.63 -18.68 -1.07
N ASP A 386 -30.75 -19.39 -0.95
CA ASP A 386 -31.38 -20.07 -2.06
C ASP A 386 -31.73 -19.06 -3.16
N CYS A 387 -31.56 -19.46 -4.42
CA CYS A 387 -32.12 -18.71 -5.53
C CYS A 387 -33.59 -19.06 -5.61
N ARG A 388 -34.44 -18.05 -5.77
CA ARG A 388 -35.90 -18.28 -5.90
C ARG A 388 -36.31 -18.56 -7.37
N THR A 389 -37.42 -19.28 -7.58
CA THR A 389 -37.94 -19.50 -8.97
C THR A 389 -38.85 -18.39 -9.46
N PRO A 390 -39.32 -17.49 -8.58
CA PRO A 390 -39.51 -16.19 -9.29
C PRO A 390 -38.19 -15.38 -9.47
N VAL A 391 -37.17 -15.60 -8.61
CA VAL A 391 -35.84 -14.88 -8.56
C VAL A 391 -35.92 -13.46 -7.96
N THR A 392 -35.66 -13.28 -6.65
CA THR A 392 -36.00 -12.03 -5.92
C THR A 392 -35.06 -10.88 -6.20
N ALA A 393 -35.41 -9.70 -5.72
CA ALA A 393 -34.61 -8.53 -6.04
C ALA A 393 -33.34 -8.38 -5.19
N ALA A 394 -33.33 -9.01 -4.01
CA ALA A 394 -32.19 -8.99 -3.09
C ALA A 394 -31.02 -9.83 -3.61
N SER A 395 -31.27 -10.59 -4.68
CA SER A 395 -30.26 -11.47 -5.34
C SER A 395 -29.77 -11.05 -6.74
N ILE A 396 -30.26 -9.91 -7.24
CA ILE A 396 -29.86 -9.33 -8.55
C ILE A 396 -28.77 -8.26 -8.34
N TRP A 397 -27.71 -8.37 -9.14
CA TRP A 397 -26.60 -7.41 -9.17
C TRP A 397 -26.15 -7.11 -10.60
N GLN A 398 -25.86 -5.85 -10.86
CA GLN A 398 -25.05 -5.52 -12.00
C GLN A 398 -23.59 -5.46 -11.52
N PHE A 399 -22.72 -6.22 -12.17
CA PHE A 399 -21.27 -6.14 -12.00
C PHE A 399 -20.72 -5.28 -13.15
N TRP A 400 -20.34 -4.06 -12.82
CA TRP A 400 -19.94 -3.07 -13.80
C TRP A 400 -18.47 -3.21 -14.12
N ALA A 401 -18.16 -2.90 -15.36
CA ALA A 401 -16.82 -2.96 -15.93
C ALA A 401 -15.82 -2.14 -15.15
N ASN A 402 -16.23 -0.98 -14.65
CA ASN A 402 -15.37 -0.23 -13.78
C ASN A 402 -15.05 -0.93 -12.45
N GLY A 403 -15.88 -1.87 -12.00
CA GLY A 403 -15.52 -2.56 -10.79
C GLY A 403 -16.44 -2.42 -9.61
N THR A 404 -17.66 -1.97 -9.87
CA THR A 404 -18.67 -1.84 -8.85
C THR A 404 -19.64 -2.98 -9.03
N ILE A 405 -20.06 -3.61 -7.93
CA ILE A 405 -21.13 -4.60 -7.94
C ILE A 405 -22.25 -3.97 -7.14
N ILE A 406 -23.33 -3.62 -7.86
CA ILE A 406 -24.45 -2.76 -7.37
C ILE A 406 -25.71 -3.58 -7.33
N ASN A 407 -26.45 -3.52 -6.23
CA ASN A 407 -27.77 -4.17 -6.19
C ASN A 407 -28.81 -3.16 -6.68
N PRO A 408 -29.37 -3.37 -7.89
CA PRO A 408 -30.20 -2.32 -8.51
C PRO A 408 -31.42 -1.91 -7.70
N GLN A 409 -32.08 -2.87 -7.05
CA GLN A 409 -33.22 -2.55 -6.20
C GLN A 409 -32.93 -1.50 -5.11
N SER A 410 -31.75 -1.53 -4.50
CA SER A 410 -31.43 -0.58 -3.44
C SER A 410 -30.38 0.45 -3.82
N ALA A 411 -29.76 0.33 -4.99
CA ALA A 411 -28.68 1.25 -5.41
C ALA A 411 -27.46 1.20 -4.48
N LEU A 412 -27.47 0.21 -3.58
CA LEU A 412 -26.33 -0.05 -2.68
C LEU A 412 -25.33 -1.05 -3.28
N VAL A 413 -24.07 -0.95 -2.85
CA VAL A 413 -23.00 -1.64 -3.55
C VAL A 413 -22.28 -2.60 -2.67
N LEU A 414 -21.75 -3.66 -3.28
CA LEU A 414 -20.89 -4.58 -2.57
C LEU A 414 -19.63 -3.88 -1.98
N SER A 415 -19.48 -3.93 -0.66
CA SER A 415 -18.38 -3.22 0.01
C SER A 415 -17.71 -4.10 1.01
N ALA A 416 -16.45 -3.78 1.30
CA ALA A 416 -15.66 -4.45 2.33
C ALA A 416 -15.20 -3.44 3.39
N GLU A 417 -15.95 -3.32 4.50
CA GLU A 417 -15.78 -2.16 5.40
C GLU A 417 -14.56 -2.18 6.32
N SER A 418 -13.57 -2.97 5.92
CA SER A 418 -12.63 -3.55 6.81
C SER A 418 -11.65 -4.32 5.89
N GLY A 419 -10.36 -4.11 6.00
CA GLY A 419 -9.42 -4.62 5.00
C GLY A 419 -8.90 -6.04 5.18
N ASN A 420 -9.19 -6.63 6.34
CA ASN A 420 -8.60 -7.87 6.76
C ASN A 420 -9.38 -9.09 6.37
N PRO A 421 -8.76 -10.29 6.40
CA PRO A 421 -9.49 -11.50 6.03
C PRO A 421 -10.56 -11.82 7.05
N ARG A 422 -11.67 -12.40 6.57
CA ARG A 422 -12.89 -12.71 7.35
C ARG A 422 -13.80 -11.50 7.56
N THR A 423 -13.49 -10.36 6.95
CA THR A 423 -14.41 -9.27 7.17
C THR A 423 -15.64 -9.58 6.36
N THR A 424 -16.78 -9.33 6.99
CA THR A 424 -18.10 -9.61 6.42
C THR A 424 -18.40 -8.51 5.42
N LEU A 425 -18.79 -8.90 4.24
CA LEU A 425 -19.26 -7.92 3.24
C LEU A 425 -20.74 -7.65 3.49
N THR A 426 -21.47 -6.67 2.98
CA THR A 426 -21.79 -5.28 3.29
C THR A 426 -22.29 -4.57 2.04
N VAL A 427 -23.60 -4.24 1.98
CA VAL A 427 -24.09 -3.24 1.00
C VAL A 427 -23.96 -1.86 1.59
N GLN A 428 -23.41 -0.92 0.81
CA GLN A 428 -23.13 0.43 1.28
C GLN A 428 -23.52 1.52 0.27
N ALA A 429 -23.59 2.76 0.75
CA ALA A 429 -23.78 3.93 -0.09
C ALA A 429 -22.63 3.91 -1.05
N ASP A 430 -22.92 3.96 -2.34
CA ASP A 430 -21.84 4.08 -3.34
C ASP A 430 -21.07 5.40 -3.25
N ILE A 431 -19.80 5.31 -2.91
CA ILE A 431 -18.87 6.44 -2.97
C ILE A 431 -17.63 6.09 -3.88
N TYR A 432 -17.73 5.00 -4.62
CA TYR A 432 -16.68 4.51 -5.53
C TYR A 432 -15.31 4.45 -4.84
N ALA A 433 -15.30 4.06 -3.59
CA ALA A 433 -14.07 3.84 -2.89
C ALA A 433 -13.50 2.50 -3.38
N SER A 434 -12.22 2.26 -3.09
CA SER A 434 -11.53 1.03 -3.46
C SER A 434 -12.06 -0.13 -2.63
N ARG A 435 -12.30 0.16 -1.37
CA ARG A 435 -13.14 -0.63 -0.49
C ARG A 435 -14.33 -1.22 -1.22
N GLN A 436 -14.76 -0.56 -2.30
CA GLN A 436 -15.99 -0.94 -3.00
C GLN A 436 -15.71 -1.36 -4.44
N GLY A 437 -14.45 -1.70 -4.69
CA GLY A 437 -13.95 -2.06 -6.01
C GLY A 437 -13.65 -3.53 -6.14
N TRP A 438 -13.88 -4.05 -7.34
CA TRP A 438 -13.91 -5.50 -7.60
C TRP A 438 -13.50 -5.83 -9.04
N LEU A 439 -13.03 -7.05 -9.27
CA LEU A 439 -12.57 -7.49 -10.58
C LEU A 439 -12.85 -8.96 -10.80
N ALA A 440 -13.60 -9.26 -11.87
CA ALA A 440 -13.92 -10.65 -12.22
C ALA A 440 -12.74 -11.26 -12.96
N GLY A 441 -12.42 -12.52 -12.65
CA GLY A 441 -11.33 -13.20 -13.33
C GLY A 441 -10.59 -14.13 -12.44
N ASN A 442 -10.06 -15.20 -13.03
CA ASN A 442 -9.39 -16.28 -12.31
C ASN A 442 -7.91 -16.04 -12.05
N ASN A 443 -7.23 -15.31 -12.94
CA ASN A 443 -5.88 -14.81 -12.64
C ASN A 443 -6.02 -13.66 -11.62
N THR A 444 -5.74 -13.91 -10.33
CA THR A 444 -6.00 -12.90 -9.27
C THR A 444 -4.79 -12.17 -8.75
N GLU A 445 -3.59 -12.65 -9.05
CA GLU A 445 -2.38 -11.94 -8.60
C GLU A 445 -2.28 -10.58 -9.31
N PRO A 446 -2.12 -9.50 -8.52
CA PRO A 446 -1.84 -8.17 -9.03
C PRO A 446 -0.78 -8.16 -10.13
N PHE A 447 -1.11 -7.50 -11.22
CA PHE A 447 -0.17 -7.31 -12.32
C PHE A 447 0.87 -6.30 -11.85
N VAL A 448 2.15 -6.62 -12.06
CA VAL A 448 3.27 -5.75 -11.61
C VAL A 448 4.02 -5.15 -12.78
N THR A 449 4.05 -3.84 -12.89
CA THR A 449 4.71 -3.21 -14.01
C THR A 449 5.06 -1.72 -13.78
N SER A 450 5.53 -1.06 -14.84
CA SER A 450 5.80 0.39 -14.86
C SER A 450 4.60 1.15 -15.39
N ILE A 451 4.33 2.32 -14.86
CA ILE A 451 3.29 3.20 -15.41
C ILE A 451 3.98 4.35 -16.16
N VAL A 452 4.03 4.26 -17.49
CA VAL A 452 4.66 5.28 -18.31
C VAL A 452 3.70 6.43 -18.57
N GLY A 453 4.17 7.66 -18.43
CA GLY A 453 3.32 8.81 -18.67
C GLY A 453 3.97 9.83 -19.59
N PHE A 454 3.81 11.11 -19.22
CA PHE A 454 4.32 12.26 -19.97
C PHE A 454 5.80 12.10 -20.34
N ASN A 455 6.12 12.40 -21.60
CA ASN A 455 7.50 12.29 -22.11
C ASN A 455 8.12 10.93 -21.95
N ASP A 456 7.28 9.89 -21.97
CA ASP A 456 7.73 8.51 -21.79
C ASP A 456 8.56 8.31 -20.49
N LEU A 457 8.15 9.00 -19.43
CA LEU A 457 8.80 8.93 -18.13
C LEU A 457 7.98 8.00 -17.33
N CYS A 458 8.60 7.45 -16.28
CA CYS A 458 7.99 6.43 -15.44
C CYS A 458 7.67 6.94 -14.02
N MET A 459 6.47 6.67 -13.51
CA MET A 459 6.16 6.90 -12.06
C MET A 459 7.20 6.22 -11.16
N GLN A 460 7.68 6.93 -10.15
CA GLN A 460 8.65 6.37 -9.22
C GLN A 460 8.29 6.72 -7.80
N ALA A 461 8.31 5.70 -6.93
CA ALA A 461 8.07 5.87 -5.50
C ALA A 461 9.26 6.52 -4.83
N ASN A 462 9.00 7.65 -4.16
CA ASN A 462 10.03 8.31 -3.35
C ASN A 462 9.50 8.61 -1.98
N GLY A 463 9.74 7.69 -1.05
CA GLY A 463 9.16 7.73 0.28
C GLY A 463 7.64 7.91 0.28
N ASP A 464 7.19 9.09 0.73
CA ASP A 464 5.79 9.42 0.84
C ASP A 464 5.27 10.16 -0.40
N ALA A 465 6.13 10.27 -1.41
CA ALA A 465 5.80 10.98 -2.63
C ALA A 465 5.94 10.11 -3.86
N MET A 466 5.15 10.43 -4.88
CA MET A 466 5.34 9.91 -6.25
C MET A 466 5.45 11.01 -7.29
N TRP A 467 6.33 10.81 -8.26
CA TRP A 467 6.42 11.66 -9.44
C TRP A 467 7.18 10.96 -10.57
N VAL A 468 7.05 11.45 -11.80
CA VAL A 468 7.61 10.78 -12.95
C VAL A 468 9.06 11.17 -13.14
N VAL A 469 9.93 10.18 -13.15
CA VAL A 469 11.37 10.35 -13.32
C VAL A 469 11.69 9.53 -14.57
N GLU A 470 12.87 9.71 -15.17
CA GLU A 470 13.25 9.00 -16.40
C GLU A 470 13.28 7.51 -16.14
N CYS A 471 12.60 6.75 -17.03
CA CYS A 471 12.47 5.28 -16.94
C CYS A 471 13.80 4.56 -16.91
N GLU A 472 13.92 3.59 -16.01
CA GLU A 472 15.15 2.80 -15.86
C GLU A 472 14.88 1.41 -15.25
N SER A 473 15.37 0.38 -15.94
CA SER A 473 14.72 -0.94 -15.97
C SER A 473 14.71 -1.62 -14.62
N SER A 474 15.89 -1.63 -13.95
CA SER A 474 16.03 -2.11 -12.53
C SER A 474 15.15 -1.50 -11.39
N LYS A 475 14.38 -0.46 -11.72
CA LYS A 475 13.17 -0.03 -10.97
C LYS A 475 13.46 0.26 -9.54
N ALA A 476 13.37 -0.62 -8.55
CA ALA A 476 12.24 -1.44 -8.14
C ALA A 476 11.15 -0.49 -7.61
N GLU A 477 11.54 0.75 -7.38
CA GLU A 477 10.63 1.81 -6.93
C GLU A 477 9.66 2.17 -8.05
N GLN A 478 10.04 1.80 -9.27
CA GLN A 478 9.32 2.12 -10.49
C GLN A 478 8.32 1.05 -10.85
N LYS A 479 8.27 -0.01 -10.06
CA LYS A 479 7.33 -1.09 -10.23
C LYS A 479 6.09 -0.81 -9.41
N TRP A 480 4.95 -1.15 -9.98
CA TRP A 480 3.68 -0.87 -9.36
C TRP A 480 2.77 -2.07 -9.48
N ALA A 481 2.05 -2.35 -8.39
CA ALA A 481 1.13 -3.47 -8.29
C ALA A 481 -0.29 -2.98 -8.53
N LEU A 482 -0.88 -3.46 -9.60
CA LEU A 482 -2.20 -3.01 -9.99
C LEU A 482 -3.27 -3.90 -9.40
N TYR A 483 -3.76 -3.51 -8.23
CA TYR A 483 -4.71 -4.29 -7.43
C TYR A 483 -6.13 -4.42 -7.95
N PRO A 484 -6.78 -5.54 -7.59
CA PRO A 484 -8.10 -5.92 -8.01
C PRO A 484 -9.15 -4.87 -7.60
N ASP A 485 -8.84 -4.04 -6.60
CA ASP A 485 -9.79 -3.04 -6.10
C ASP A 485 -9.61 -1.64 -6.68
N GLY A 486 -8.73 -1.50 -7.69
CA GLY A 486 -8.56 -0.25 -8.40
C GLY A 486 -7.40 0.58 -7.89
N SER A 487 -6.69 0.04 -6.90
CA SER A 487 -5.61 0.79 -6.27
C SER A 487 -4.29 0.52 -6.93
N ILE A 488 -3.38 1.48 -6.84
CA ILE A 488 -2.03 1.32 -7.37
C ILE A 488 -1.11 1.28 -6.19
N ARG A 489 -0.37 0.19 -6.03
CA ARG A 489 0.55 0.05 -4.88
C ARG A 489 2.03 -0.11 -5.29
N PRO A 490 2.96 0.50 -4.52
CA PRO A 490 4.37 0.23 -4.77
C PRO A 490 4.67 -1.26 -4.63
N HIS A 491 5.41 -1.83 -5.58
CA HIS A 491 5.84 -3.23 -5.49
C HIS A 491 6.30 -3.64 -4.10
N GLN A 492 7.21 -2.86 -3.50
CA GLN A 492 7.90 -3.27 -2.27
C GLN A 492 7.22 -2.81 -0.97
N ASP A 493 6.08 -2.16 -1.11
CA ASP A 493 5.25 -1.81 0.01
C ASP A 493 3.76 -1.86 -0.38
N ARG A 494 3.14 -3.01 -0.13
CA ARG A 494 1.76 -3.27 -0.57
C ARG A 494 0.71 -2.93 0.45
N ASP A 495 1.13 -2.23 1.51
CA ASP A 495 0.24 -1.66 2.52
C ASP A 495 -0.01 -0.22 2.12
N ARG A 496 0.79 0.30 1.20
CA ARG A 496 0.61 1.69 0.86
C ARG A 496 0.07 1.85 -0.54
N CYS A 497 -0.69 2.92 -0.74
CA CYS A 497 -1.51 3.18 -1.92
C CYS A 497 -1.24 4.53 -2.64
N LEU A 498 -1.47 4.57 -3.93
CA LEU A 498 -1.40 5.82 -4.64
C LEU A 498 -2.68 6.59 -4.34
N THR A 499 -2.56 7.63 -3.50
CA THR A 499 -3.72 8.35 -2.88
C THR A 499 -3.74 9.86 -3.14
N SER A 500 -4.93 10.40 -3.37
CA SER A 500 -5.18 11.84 -3.34
C SER A 500 -5.06 12.44 -1.96
N THR A 501 -4.34 13.55 -1.82
CA THR A 501 -4.31 14.27 -0.54
C THR A 501 -5.75 14.59 -0.16
N ASP A 502 -6.51 15.23 -1.06
CA ASP A 502 -7.92 15.53 -0.83
C ASP A 502 -8.66 15.31 -2.14
N ASN A 503 -9.51 14.28 -2.19
CA ASN A 503 -10.21 13.93 -3.44
C ASN A 503 -11.22 14.99 -3.86
N HIS A 504 -11.67 15.79 -2.90
CA HIS A 504 -12.61 16.88 -3.14
C HIS A 504 -11.94 18.09 -3.81
N SER A 505 -10.62 18.19 -3.68
CA SER A 505 -9.89 19.34 -4.26
C SER A 505 -9.25 19.05 -5.61
N GLN A 506 -9.69 19.79 -6.61
CA GLN A 506 -9.06 19.75 -7.93
C GLN A 506 -7.71 20.37 -7.77
N GLY A 507 -6.68 19.66 -8.22
CA GLY A 507 -5.32 20.18 -8.16
C GLY A 507 -4.56 19.53 -7.03
N SER A 508 -5.26 18.71 -6.24
CA SER A 508 -4.68 17.99 -5.11
C SER A 508 -3.55 17.09 -5.55
N ILE A 509 -2.41 17.22 -4.86
CA ILE A 509 -1.26 16.41 -5.19
C ILE A 509 -1.49 14.95 -4.69
N ILE A 510 -1.26 14.00 -5.59
CA ILE A 510 -1.39 12.57 -5.33
C ILE A 510 -0.13 12.02 -4.66
N ILE A 511 -0.31 11.44 -3.47
CA ILE A 511 0.80 10.91 -2.68
C ILE A 511 0.71 9.39 -2.50
N ILE A 512 1.74 8.83 -1.86
CA ILE A 512 1.70 7.44 -1.39
C ILE A 512 1.33 7.41 0.10
N SER A 513 0.16 6.85 0.43
CA SER A 513 -0.30 6.72 1.82
C SER A 513 -0.82 5.33 2.11
N SER A 514 -0.99 5.01 3.40
CA SER A 514 -1.67 3.79 3.88
C SER A 514 -2.94 3.45 3.08
N CYS A 515 -3.05 2.21 2.60
CA CYS A 515 -4.25 1.71 1.92
C CYS A 515 -5.43 1.51 2.86
N SER A 516 -5.20 1.69 4.16
CA SER A 516 -6.12 1.29 5.22
C SER A 516 -7.52 1.91 5.14
N PRO A 517 -7.61 3.20 4.74
CA PRO A 517 -8.95 3.78 4.47
C PRO A 517 -9.80 3.14 3.33
N GLY A 518 -9.14 2.55 2.34
CA GLY A 518 -9.80 2.13 1.12
C GLY A 518 -10.76 3.19 0.59
N SER A 519 -10.27 4.41 0.40
CA SER A 519 -11.15 5.55 0.04
C SER A 519 -11.39 5.80 -1.46
N GLU A 520 -12.10 6.89 -1.75
CA GLU A 520 -12.35 7.39 -3.09
C GLU A 520 -11.08 7.71 -3.82
N GLY A 521 -10.17 8.37 -3.11
CA GLY A 521 -8.88 8.72 -3.65
C GLY A 521 -7.90 7.58 -3.69
N GLN A 522 -8.35 6.34 -3.67
CA GLN A 522 -7.44 5.21 -3.72
C GLN A 522 -7.84 4.22 -4.83
N ARG A 523 -8.92 4.55 -5.55
CA ARG A 523 -9.40 3.84 -6.77
C ARG A 523 -9.13 4.67 -8.04
N TRP A 524 -8.58 4.01 -9.06
CA TRP A 524 -8.08 4.66 -10.27
C TRP A 524 -8.47 3.75 -11.40
N VAL A 525 -8.82 4.28 -12.56
CA VAL A 525 -9.18 3.32 -13.59
C VAL A 525 -8.39 3.67 -14.83
N PHE A 526 -7.74 2.69 -15.45
CA PHE A 526 -6.97 2.98 -16.67
C PHE A 526 -7.91 2.92 -17.85
N MET A 527 -8.01 4.04 -18.54
CA MET A 527 -9.08 4.23 -19.47
C MET A 527 -8.59 4.07 -20.89
N ASN A 528 -9.47 3.64 -21.79
CA ASN A 528 -9.11 3.60 -23.18
C ASN A 528 -8.63 4.97 -23.71
N ASP A 529 -9.20 6.06 -23.17
CA ASP A 529 -8.71 7.44 -23.27
C ASP A 529 -7.21 7.58 -23.23
N GLY A 530 -6.59 6.65 -22.52
CA GLY A 530 -5.20 6.71 -22.10
C GLY A 530 -4.95 7.47 -20.80
N THR A 531 -6.03 7.92 -20.15
CA THR A 531 -5.96 8.69 -18.91
C THR A 531 -6.09 7.78 -17.72
N ILE A 532 -5.69 8.25 -16.55
CA ILE A 532 -6.02 7.51 -15.34
C ILE A 532 -7.16 8.25 -14.62
N LEU A 533 -8.36 7.65 -14.63
CA LEU A 533 -9.57 8.32 -14.12
C LEU A 533 -9.80 8.03 -12.64
N ASN A 534 -10.33 9.02 -11.95
CA ASN A 534 -10.97 8.78 -10.65
C ASN A 534 -12.51 8.79 -10.75
N LEU A 535 -13.17 7.63 -10.56
CA LEU A 535 -14.65 7.67 -10.50
C LEU A 535 -15.07 8.28 -9.17
N LYS A 536 -16.06 9.16 -9.20
CA LYS A 536 -16.38 9.94 -7.99
C LYS A 536 -15.91 11.36 -8.22
N ASN A 537 -14.65 11.53 -8.57
CA ASN A 537 -14.13 12.83 -9.00
C ASN A 537 -14.68 13.20 -10.33
N GLY A 538 -14.54 12.30 -11.30
CA GLY A 538 -14.65 12.63 -12.70
C GLY A 538 -13.31 13.20 -13.18
N LEU A 539 -12.32 13.30 -12.28
CA LEU A 539 -10.98 13.89 -12.54
C LEU A 539 -9.89 12.89 -12.93
N VAL A 540 -8.88 13.38 -13.61
CA VAL A 540 -7.84 12.54 -14.18
C VAL A 540 -6.49 12.78 -13.49
N MET A 541 -5.58 11.79 -13.51
CA MET A 541 -4.17 11.99 -13.10
C MET A 541 -3.42 12.85 -14.13
N ASP A 542 -2.55 13.72 -13.64
CA ASP A 542 -2.03 14.87 -14.39
C ASP A 542 -0.65 15.29 -13.87
N VAL A 543 0.28 15.49 -14.79
CA VAL A 543 1.59 16.02 -14.45
C VAL A 543 1.47 17.55 -14.48
N LYS A 544 1.68 18.20 -13.34
CA LYS A 544 1.52 19.64 -13.25
C LYS A 544 2.15 20.38 -14.43
N GLY A 545 1.44 21.37 -14.97
CA GLY A 545 1.89 22.17 -16.09
C GLY A 545 2.81 21.51 -17.09
N SER A 546 2.59 20.23 -17.40
CA SER A 546 3.48 19.40 -18.27
C SER A 546 4.94 19.59 -17.86
N ASP A 547 5.15 19.84 -16.58
CA ASP A 547 6.47 20.11 -16.01
C ASP A 547 6.86 19.04 -14.96
N PRO A 548 7.70 18.04 -15.32
CA PRO A 548 8.05 16.96 -14.40
C PRO A 548 8.94 17.41 -13.24
N SER A 549 9.55 18.59 -13.33
CA SER A 549 10.52 19.00 -12.34
C SER A 549 9.81 19.57 -11.13
N LEU A 550 8.48 19.69 -11.21
CA LEU A 550 7.68 20.22 -10.07
C LEU A 550 7.40 19.12 -9.06
N HIS A 551 7.69 17.88 -9.48
CA HIS A 551 7.55 16.66 -8.68
C HIS A 551 6.13 16.46 -8.22
N GLN A 552 5.18 16.87 -9.04
CA GLN A 552 3.76 16.84 -8.64
C GLN A 552 2.91 16.24 -9.71
N ILE A 553 2.28 15.12 -9.37
CA ILE A 553 1.21 14.50 -10.15
C ILE A 553 -0.07 14.81 -9.42
N ILE A 554 -0.98 15.46 -10.14
CA ILE A 554 -2.17 15.99 -9.51
C ILE A 554 -3.45 15.43 -10.14
N ILE A 555 -4.55 15.90 -9.58
CA ILE A 555 -5.89 15.52 -9.94
C ILE A 555 -6.45 16.69 -10.71
N TRP A 556 -6.91 16.45 -11.94
CA TRP A 556 -7.30 17.52 -12.87
C TRP A 556 -8.36 17.03 -13.88
N PRO A 557 -9.34 17.90 -14.25
CA PRO A 557 -10.32 17.65 -15.33
C PRO A 557 -9.66 17.24 -16.62
N ALA A 558 -10.38 16.52 -17.47
CA ALA A 558 -9.81 16.05 -18.72
C ALA A 558 -9.54 17.21 -19.69
N THR A 559 -8.25 17.38 -20.08
CA THR A 559 -7.79 18.43 -21.05
C THR A 559 -7.90 17.84 -22.49
N GLY A 560 -7.57 18.51 -23.60
CA GLY A 560 -6.22 18.72 -24.07
C GLY A 560 -5.54 17.33 -23.99
N LYS A 561 -4.56 17.02 -24.81
CA LYS A 561 -3.89 15.78 -24.48
C LYS A 561 -2.61 15.73 -23.52
N PRO A 562 -1.38 15.88 -24.06
CA PRO A 562 -0.29 15.00 -23.63
C PRO A 562 0.06 14.79 -22.11
N ASN A 563 -0.08 15.77 -21.22
CA ASN A 563 0.43 15.59 -19.86
C ASN A 563 -0.45 14.70 -19.00
N GLN A 564 -1.39 14.01 -19.65
CA GLN A 564 -2.42 13.26 -18.93
C GLN A 564 -2.58 11.85 -19.51
N LYS A 565 -1.65 11.45 -20.37
CA LYS A 565 -1.60 10.10 -20.91
C LYS A 565 -0.73 9.16 -20.13
N TRP A 566 -1.29 7.96 -19.85
CA TRP A 566 -0.61 6.94 -19.07
C TRP A 566 -0.80 5.57 -19.72
N LEU A 567 0.16 4.67 -19.51
CA LEU A 567 0.09 3.27 -20.00
C LEU A 567 0.67 2.32 -18.94
N PRO A 568 -0.17 1.37 -18.45
CA PRO A 568 0.39 0.34 -17.56
C PRO A 568 1.12 -0.64 -18.44
N LEU A 569 2.44 -0.66 -18.36
CA LEU A 569 3.24 -1.34 -19.36
C LEU A 569 3.11 -2.87 -19.42
N LEU A 570 2.90 -3.38 -20.63
CA LEU A 570 3.08 -4.80 -20.92
C LEU A 570 4.42 -5.04 -21.65
N TYR B 23 25.58 3.36 2.39
CA TYR B 23 24.91 2.81 3.58
C TYR B 23 25.82 2.70 4.82
N GLN B 24 26.54 3.74 5.18
CA GLN B 24 27.61 3.54 6.15
C GLN B 24 27.75 4.60 7.24
N THR B 25 27.61 5.86 6.84
CA THR B 25 27.96 7.00 7.69
C THR B 25 26.78 7.95 7.84
N VAL B 26 26.24 8.08 9.05
CA VAL B 26 25.31 9.18 9.34
C VAL B 26 26.02 10.25 10.12
N THR B 27 25.76 11.49 9.75
CA THR B 27 26.37 12.63 10.37
C THR B 27 25.36 13.48 11.14
N PHE B 28 25.86 14.10 12.20
CA PHE B 28 25.17 15.12 12.96
C PHE B 28 26.18 16.19 13.32
N THR B 29 25.74 17.44 13.31
CA THR B 29 26.56 18.58 13.75
C THR B 29 25.86 19.42 14.82
N THR B 30 26.63 20.04 15.72
CA THR B 30 26.10 21.04 16.69
C THR B 30 25.85 22.38 16.01
N LYS B 31 26.78 22.78 15.13
CA LYS B 31 26.69 24.01 14.34
C LYS B 31 25.23 24.29 13.96
N ASN B 32 24.70 25.42 14.46
CA ASN B 32 23.32 25.84 14.19
C ASN B 32 22.31 24.67 14.21
N ALA B 33 22.30 23.87 15.29
CA ALA B 33 21.47 22.68 15.34
C ALA B 33 20.06 23.04 15.72
N THR B 34 19.14 22.39 15.02
CA THR B 34 17.71 22.60 15.18
C THR B 34 17.06 21.34 15.70
N LYS B 35 15.85 21.50 16.17
CA LYS B 35 15.03 20.41 16.65
C LYS B 35 14.71 19.45 15.49
N THR B 36 14.64 19.98 14.27
CA THR B 36 14.33 19.20 13.09
C THR B 36 15.53 18.33 12.68
N SER B 37 16.73 18.92 12.61
CA SER B 37 17.93 18.23 12.11
C SER B 37 18.39 17.12 13.04
N TYR B 38 18.10 17.29 14.32
CA TYR B 38 18.37 16.30 15.33
C TYR B 38 17.44 15.11 15.13
N THR B 39 16.16 15.34 14.84
CA THR B 39 15.22 14.26 14.53
C THR B 39 15.59 13.62 13.22
N GLN B 40 15.99 14.43 12.24
CA GLN B 40 16.43 13.94 10.95
C GLN B 40 17.60 12.94 11.13
N PHE B 41 18.47 13.24 12.09
CA PHE B 41 19.66 12.42 12.40
C PHE B 41 19.32 11.10 13.13
N ILE B 42 18.59 11.20 14.24
CA ILE B 42 18.13 10.03 14.98
C ILE B 42 17.33 9.08 14.07
N GLU B 43 16.50 9.68 13.23
CA GLU B 43 15.59 8.96 12.38
C GLU B 43 16.34 8.23 11.29
N ALA B 44 17.45 8.80 10.86
CA ALA B 44 18.28 8.25 9.79
C ALA B 44 19.07 7.08 10.31
N LEU B 45 19.46 7.20 11.58
CA LEU B 45 20.14 6.18 12.34
C LEU B 45 19.23 4.98 12.68
N ARG B 46 17.96 5.25 12.98
CA ARG B 46 16.94 4.20 13.15
C ARG B 46 16.67 3.40 11.88
N ALA B 47 16.63 4.08 10.73
CA ALA B 47 16.30 3.43 9.44
C ALA B 47 17.36 2.42 8.94
N GLN B 48 18.60 2.64 9.37
CA GLN B 48 19.70 1.74 9.06
C GLN B 48 19.85 0.67 10.10
N LEU B 49 19.44 0.99 11.32
CA LEU B 49 19.46 0.00 12.39
C LEU B 49 18.25 -0.96 12.31
N ALA B 50 17.19 -0.57 11.58
CA ALA B 50 16.06 -1.46 11.40
C ALA B 50 16.42 -2.56 10.43
N SER B 51 16.23 -3.83 10.81
CA SER B 51 16.15 -4.89 9.83
C SER B 51 14.71 -4.87 9.39
N GLY B 52 14.44 -5.32 8.17
CA GLY B 52 13.07 -5.29 7.66
C GLY B 52 11.99 -5.87 8.58
N GLU B 53 12.38 -6.73 9.53
CA GLU B 53 11.46 -7.40 10.47
C GLU B 53 10.82 -6.42 11.45
N GLU B 54 9.63 -6.76 11.91
CA GLU B 54 8.82 -5.80 12.65
C GLU B 54 7.83 -6.55 13.53
N PRO B 55 8.35 -7.36 14.49
CA PRO B 55 7.56 -8.23 15.37
C PRO B 55 6.63 -7.43 16.26
N HIS B 56 5.35 -7.83 16.27
CA HIS B 56 4.28 -7.10 16.93
C HIS B 56 4.15 -5.65 16.52
N GLY B 57 4.67 -5.28 15.35
CA GLY B 57 4.57 -3.90 14.85
C GLY B 57 5.73 -2.97 15.18
N ILE B 58 6.74 -3.44 15.93
CA ILE B 58 7.89 -2.61 16.33
C ILE B 58 9.19 -3.06 15.67
N PRO B 59 9.95 -2.12 15.08
CA PRO B 59 11.19 -2.57 14.45
C PRO B 59 12.18 -3.23 15.44
N VAL B 60 12.78 -4.33 14.99
CA VAL B 60 13.83 -5.05 15.71
C VAL B 60 15.10 -4.93 14.88
N MET B 61 16.22 -5.03 15.59
CA MET B 61 17.57 -5.04 15.00
C MET B 61 17.94 -6.43 14.49
N ARG B 62 19.02 -6.47 13.71
CA ARG B 62 19.52 -7.67 13.02
C ARG B 62 20.10 -8.66 14.03
N GLU B 63 19.94 -9.96 13.80
CA GLU B 63 20.47 -10.94 14.74
C GLU B 63 21.96 -11.03 14.43
N ARG B 64 22.81 -11.04 15.47
CA ARG B 64 24.26 -11.08 15.26
C ARG B 64 24.70 -12.17 14.26
N SER B 65 24.21 -13.41 14.44
CA SER B 65 24.60 -14.54 13.57
C SER B 65 24.09 -14.44 12.12
N THR B 66 23.47 -13.30 11.80
CA THR B 66 22.88 -13.02 10.47
C THR B 66 23.69 -11.93 9.73
N VAL B 67 24.44 -11.17 10.52
CA VAL B 67 25.12 -9.98 10.05
C VAL B 67 26.56 -10.36 9.67
N PRO B 68 26.91 -10.15 8.41
CA PRO B 68 28.30 -10.37 8.03
C PRO B 68 29.23 -9.32 8.65
N ASP B 69 30.39 -9.72 9.18
CA ASP B 69 31.42 -8.79 9.70
C ASP B 69 31.53 -7.50 8.92
N SER B 70 31.39 -7.62 7.59
CA SER B 70 31.52 -6.50 6.65
C SER B 70 30.44 -5.41 6.76
N LYS B 71 29.23 -5.77 7.21
CA LYS B 71 28.09 -4.82 7.30
C LYS B 71 27.63 -4.64 8.75
N ARG B 72 28.55 -4.79 9.69
CA ARG B 72 28.26 -4.94 11.11
C ARG B 72 28.32 -3.59 11.87
N PHE B 73 28.66 -2.52 11.16
CA PHE B 73 28.89 -1.23 11.80
C PHE B 73 28.31 -0.01 11.08
N ILE B 74 27.83 0.95 11.85
CA ILE B 74 27.50 2.25 11.35
C ILE B 74 28.51 3.22 11.98
N LEU B 75 29.08 4.10 11.15
CA LEU B 75 29.99 5.15 11.60
C LEU B 75 29.18 6.40 11.87
N VAL B 76 29.27 6.97 13.06
CA VAL B 76 28.50 8.18 13.40
C VAL B 76 29.41 9.39 13.59
N GLU B 77 29.38 10.28 12.61
CA GLU B 77 30.28 11.43 12.50
C GLU B 77 29.73 12.69 13.22
N LEU B 78 30.26 12.97 14.41
CA LEU B 78 29.78 14.11 15.19
C LEU B 78 30.68 15.36 15.08
N SER B 79 30.07 16.57 15.02
CA SER B 79 30.74 17.91 15.04
C SER B 79 29.81 18.92 15.72
N ASN B 80 30.09 20.21 15.90
CA ASN B 80 31.15 20.89 16.63
C ASN B 80 31.55 22.29 16.17
N TRP B 81 31.78 23.18 17.13
CA TRP B 81 32.40 24.46 16.83
C TRP B 81 33.91 24.34 16.88
N ALA B 82 34.47 23.93 18.02
CA ALA B 82 35.91 23.74 18.19
C ALA B 82 36.45 22.52 17.41
N ALA B 83 36.25 22.53 16.10
CA ALA B 83 36.50 21.39 15.22
C ALA B 83 37.94 21.32 14.70
N ASP B 84 38.14 20.30 13.87
CA ASP B 84 38.61 20.49 12.51
C ASP B 84 38.26 19.27 11.68
N SER B 85 38.28 18.11 12.30
CA SER B 85 37.64 16.96 11.71
C SER B 85 36.84 16.25 12.78
N PRO B 86 35.83 15.47 12.38
CA PRO B 86 34.85 15.06 13.37
C PRO B 86 35.24 13.80 14.14
N VAL B 87 34.51 13.55 15.21
CA VAL B 87 34.66 12.35 15.98
C VAL B 87 33.72 11.34 15.35
N THR B 88 34.27 10.22 14.91
CA THR B 88 33.47 9.17 14.33
C THR B 88 33.40 7.98 15.27
N LEU B 89 32.18 7.59 15.62
CA LEU B 89 31.91 6.49 16.52
C LEU B 89 31.66 5.31 15.65
N ALA B 90 32.12 4.15 16.08
CA ALA B 90 31.72 2.89 15.46
C ALA B 90 30.57 2.29 16.29
N VAL B 91 29.41 2.21 15.65
CA VAL B 91 28.15 1.78 16.30
C VAL B 91 27.81 0.36 15.82
N ASP B 92 27.56 -0.56 16.76
CA ASP B 92 27.28 -1.93 16.43
C ASP B 92 25.82 -1.98 15.99
N VAL B 93 25.55 -2.53 14.80
CA VAL B 93 24.19 -2.47 14.21
C VAL B 93 23.25 -3.43 14.94
N THR B 94 23.82 -4.17 15.89
CA THR B 94 23.19 -5.29 16.52
C THR B 94 22.49 -4.90 17.82
N ASN B 95 22.99 -3.81 18.41
CA ASN B 95 22.50 -3.36 19.71
C ASN B 95 22.61 -1.85 19.95
N ALA B 96 23.08 -1.11 18.94
CA ALA B 96 23.34 0.34 19.02
C ALA B 96 24.48 0.76 19.94
N TYR B 97 25.36 -0.16 20.32
CA TYR B 97 26.50 0.13 21.20
C TYR B 97 27.56 0.94 20.50
N VAL B 98 28.16 1.87 21.21
CA VAL B 98 29.33 2.57 20.70
C VAL B 98 30.60 1.79 21.09
N VAL B 99 31.14 1.04 20.13
CA VAL B 99 32.21 0.09 20.47
C VAL B 99 33.59 0.72 20.41
N ALA B 100 33.66 1.78 19.64
CA ALA B 100 34.90 2.45 19.36
C ALA B 100 34.57 3.83 18.85
N TYR B 101 35.59 4.68 18.76
CA TYR B 101 35.44 5.96 18.10
C TYR B 101 36.77 6.43 17.54
N ARG B 102 36.66 7.25 16.49
CA ARG B 102 37.77 7.74 15.69
C ARG B 102 38.01 9.21 15.88
N THR B 103 39.28 9.59 16.01
CA THR B 103 39.69 10.99 16.01
C THR B 103 41.00 11.08 15.23
N GLY B 104 40.87 11.21 13.91
CA GLY B 104 42.03 11.22 13.03
C GLY B 104 42.64 9.85 12.83
N SER B 105 43.94 9.76 13.09
CA SER B 105 44.69 8.52 12.95
C SER B 105 44.42 7.56 14.11
N GLN B 106 43.87 8.12 15.19
CA GLN B 106 43.71 7.45 16.47
C GLN B 106 42.32 6.78 16.56
N SER B 107 42.27 5.54 17.03
CA SER B 107 40.99 4.88 17.29
C SER B 107 40.98 4.47 18.75
N PHE B 108 39.87 4.68 19.42
CA PHE B 108 39.73 4.33 20.82
C PHE B 108 38.60 3.34 21.02
N PHE B 109 38.89 2.20 21.65
CA PHE B 109 37.95 1.10 21.76
C PHE B 109 37.53 0.87 23.20
N LEU B 110 36.37 0.28 23.40
CA LEU B 110 35.93 -0.07 24.74
C LEU B 110 36.23 -1.52 25.06
N ARG B 111 36.75 -1.80 26.26
CA ARG B 111 37.10 -3.15 26.62
C ARG B 111 35.85 -3.97 26.51
N GLU B 112 35.98 -5.25 26.23
CA GLU B 112 34.81 -6.06 26.02
C GLU B 112 34.85 -7.43 26.66
N ASP B 113 33.69 -7.88 27.15
CA ASP B 113 33.57 -9.12 27.90
C ASP B 113 33.81 -10.39 27.06
N ASN B 114 33.73 -10.25 25.73
CA ASN B 114 33.89 -11.39 24.82
C ASN B 114 34.49 -11.07 23.44
N PRO B 115 35.83 -10.98 23.33
CA PRO B 115 36.43 -10.58 22.03
C PRO B 115 35.65 -11.09 20.81
N ASP B 116 35.09 -10.15 20.04
CA ASP B 116 34.28 -10.40 18.83
C ASP B 116 35.25 -10.39 17.67
N PRO B 117 35.18 -11.38 16.75
CA PRO B 117 36.03 -11.24 15.57
C PRO B 117 35.81 -9.89 14.87
N ALA B 118 34.56 -9.44 14.82
CA ALA B 118 34.19 -8.20 14.10
C ALA B 118 34.75 -6.92 14.74
N ILE B 119 34.49 -6.73 16.04
CA ILE B 119 35.01 -5.56 16.78
C ILE B 119 36.56 -5.46 16.75
N GLU B 120 37.22 -6.62 16.76
CA GLU B 120 38.68 -6.74 16.67
C GLU B 120 39.02 -7.15 15.26
N ASN B 121 39.17 -6.10 14.45
CA ASN B 121 39.32 -6.07 13.02
C ASN B 121 38.50 -4.92 12.47
N LEU B 122 38.32 -3.83 13.21
CA LEU B 122 37.30 -2.83 12.84
C LEU B 122 37.83 -1.58 12.17
N LEU B 123 38.77 -0.90 12.79
CA LEU B 123 39.37 0.25 12.16
C LEU B 123 40.84 -0.07 11.87
N PRO B 124 41.14 -0.78 10.74
CA PRO B 124 42.58 -1.04 10.51
C PRO B 124 43.22 0.23 9.96
N ASP B 125 44.56 0.33 9.97
CA ASP B 125 45.25 1.60 9.59
C ASP B 125 44.94 2.73 10.57
N THR B 126 45.26 2.52 11.84
CA THR B 126 44.80 3.38 12.91
C THR B 126 45.48 3.01 14.24
N LYS B 127 45.53 3.96 15.19
CA LYS B 127 46.11 3.76 16.55
C LYS B 127 45.81 2.44 17.29
N ARG B 128 44.54 2.17 17.57
CA ARG B 128 44.16 1.13 18.53
C ARG B 128 44.73 1.43 19.90
N TYR B 129 43.89 2.05 20.70
CA TYR B 129 44.08 2.12 22.12
C TYR B 129 42.80 1.51 22.69
N THR B 130 42.89 0.79 23.80
CA THR B 130 41.68 0.32 24.36
C THR B 130 41.68 0.66 25.82
N PHE B 131 40.54 1.16 26.29
CA PHE B 131 40.38 1.61 27.65
C PHE B 131 40.36 0.45 28.65
N PRO B 132 40.63 0.73 29.95
CA PRO B 132 40.44 -0.34 30.93
C PRO B 132 38.97 -0.64 31.32
N PHE B 133 37.99 0.00 30.68
CA PHE B 133 36.54 -0.14 31.01
C PHE B 133 35.65 -0.44 29.78
N SER B 134 34.46 -1.00 30.05
CA SER B 134 33.48 -1.35 29.00
C SER B 134 32.58 -0.19 28.66
N GLY B 135 31.76 -0.40 27.62
CA GLY B 135 30.75 0.57 27.20
C GLY B 135 29.53 0.65 28.11
N SER B 136 29.43 -0.27 29.08
CA SER B 136 28.29 -0.33 30.03
C SER B 136 28.32 0.87 30.92
N TYR B 137 27.16 1.23 31.48
CA TYR B 137 27.02 2.35 32.42
C TYR B 137 27.67 2.17 33.79
N THR B 138 27.56 0.98 34.38
CA THR B 138 28.26 0.68 35.63
C THR B 138 29.76 1.04 35.54
N ASP B 139 30.40 0.57 34.45
CA ASP B 139 31.80 0.85 34.15
C ASP B 139 31.99 2.32 33.91
N LEU B 140 31.22 2.89 32.99
CA LEU B 140 31.36 4.29 32.63
C LEU B 140 31.17 5.20 33.84
N GLU B 141 30.13 4.96 34.61
CA GLU B 141 29.86 5.78 35.78
C GLU B 141 30.98 5.66 36.77
N ARG B 142 31.53 4.47 36.90
CA ARG B 142 32.58 4.25 37.87
C ARG B 142 33.81 5.06 37.50
N VAL B 143 34.22 4.95 36.26
CA VAL B 143 35.40 5.66 35.75
C VAL B 143 35.15 7.19 35.74
N ALA B 144 33.92 7.57 35.39
CA ALA B 144 33.50 8.94 35.36
C ALA B 144 33.46 9.60 36.73
N GLY B 145 33.17 8.81 37.77
CA GLY B 145 33.05 9.33 39.16
C GLY B 145 31.76 10.09 39.45
N GLU B 146 30.74 9.88 38.61
CA GLU B 146 29.37 10.36 38.84
C GLU B 146 28.35 9.47 38.10
N ARG B 147 27.06 9.51 38.49
CA ARG B 147 26.00 8.71 37.87
C ARG B 147 25.33 9.43 36.71
N ARG B 148 24.52 8.71 35.96
CA ARG B 148 23.78 9.27 34.83
C ARG B 148 22.91 10.44 35.21
N GLU B 149 22.28 10.33 36.38
CA GLU B 149 21.38 11.32 36.95
C GLU B 149 22.03 12.61 37.46
N GLU B 150 23.35 12.68 37.41
CA GLU B 150 24.12 13.84 37.89
C GLU B 150 24.73 14.66 36.75
N ILE B 151 24.85 14.05 35.57
CA ILE B 151 25.44 14.67 34.38
C ILE B 151 24.39 15.41 33.50
N LEU B 152 24.59 16.71 33.24
CA LEU B 152 23.69 17.48 32.38
C LEU B 152 23.75 16.96 30.94
N LEU B 153 22.59 16.86 30.29
CA LEU B 153 22.49 16.48 28.88
C LEU B 153 21.92 17.63 28.08
N GLY B 154 22.31 17.76 26.81
CA GLY B 154 21.89 18.91 26.01
C GLY B 154 22.94 19.29 25.00
N MET B 155 22.73 20.42 24.33
CA MET B 155 23.59 20.87 23.27
C MET B 155 25.00 21.26 23.80
N ASP B 156 25.06 22.11 24.82
CA ASP B 156 26.36 22.40 25.45
C ASP B 156 27.10 21.16 25.91
N PRO B 157 26.48 20.32 26.77
CA PRO B 157 27.18 19.08 27.20
C PRO B 157 27.65 18.20 26.03
N LEU B 158 26.91 18.16 24.91
CA LEU B 158 27.30 17.37 23.70
C LEU B 158 28.47 18.03 23.02
N GLU B 159 28.37 19.34 22.84
CA GLU B 159 29.48 20.22 22.41
C GLU B 159 30.79 19.96 23.19
N ASN B 160 30.70 19.87 24.51
CA ASN B 160 31.88 19.60 25.31
C ASN B 160 32.31 18.17 25.22
N ALA B 161 31.36 17.25 25.15
CA ALA B 161 31.63 15.81 25.04
C ALA B 161 32.34 15.46 23.76
N ILE B 162 31.89 16.06 22.67
CA ILE B 162 32.55 15.96 21.38
C ILE B 162 33.98 16.53 21.44
N SER B 163 34.13 17.74 21.94
CA SER B 163 35.47 18.31 22.09
C SER B 163 36.42 17.43 22.91
N ALA B 164 35.90 16.81 23.97
CA ALA B 164 36.71 15.99 24.89
C ALA B 164 37.15 14.65 24.27
N LEU B 165 36.29 14.15 23.39
CA LEU B 165 36.53 12.93 22.66
C LEU B 165 37.39 13.18 21.46
N TRP B 166 37.46 14.43 21.03
CA TRP B 166 38.32 14.83 19.93
C TRP B 166 39.77 14.80 20.38
N ILE B 167 40.04 15.52 21.47
CA ILE B 167 41.37 15.63 22.08
C ILE B 167 41.85 14.25 22.49
N SER B 168 40.99 13.51 23.18
CA SER B 168 41.28 12.17 23.67
C SER B 168 42.56 12.08 24.52
N ASN B 169 42.64 12.94 25.54
CA ASN B 169 43.78 12.99 26.47
C ASN B 169 43.76 11.80 27.45
N LEU B 170 44.71 10.87 27.28
CA LEU B 170 44.74 9.63 28.07
C LEU B 170 45.05 9.86 29.55
N ASN B 171 45.55 11.04 29.89
CA ASN B 171 45.77 11.36 31.28
C ASN B 171 44.44 11.88 31.89
N GLN B 172 43.44 12.22 31.07
CA GLN B 172 42.07 12.59 31.57
C GLN B 172 41.15 11.39 31.99
N GLN B 173 40.50 10.75 31.00
CA GLN B 173 39.85 9.42 31.21
C GLN B 173 38.57 9.43 32.04
N ARG B 174 38.59 10.07 33.20
CA ARG B 174 37.39 10.37 33.98
C ARG B 174 36.41 11.10 33.06
N ALA B 175 36.92 12.10 32.36
CA ALA B 175 36.10 12.95 31.51
C ALA B 175 35.84 12.33 30.14
N LEU B 176 36.64 11.32 29.76
CA LEU B 176 36.37 10.56 28.53
C LEU B 176 35.17 9.63 28.72
N ALA B 177 35.12 9.01 29.88
CA ALA B 177 34.02 8.18 30.28
C ALA B 177 32.76 9.00 30.58
N ARG B 178 32.90 10.21 31.13
CA ARG B 178 31.71 11.06 31.32
C ARG B 178 31.17 11.38 29.95
N SER B 179 32.07 11.66 29.02
CA SER B 179 31.66 12.12 27.70
C SER B 179 30.93 11.08 26.91
N LEU B 180 31.36 9.84 27.02
CA LEU B 180 30.67 8.76 26.37
C LEU B 180 29.27 8.55 26.99
N ILE B 181 29.16 8.84 28.28
CA ILE B 181 27.86 8.90 28.93
C ILE B 181 26.90 9.93 28.30
N VAL B 182 27.39 11.15 28.01
CA VAL B 182 26.62 12.17 27.25
C VAL B 182 26.21 11.65 25.85
N VAL B 183 27.22 11.17 25.12
CA VAL B 183 27.07 10.75 23.72
C VAL B 183 26.16 9.50 23.54
N ILE B 184 26.40 8.44 24.30
CA ILE B 184 25.53 7.24 24.21
C ILE B 184 24.06 7.57 24.50
N GLN B 185 23.82 8.44 25.48
CA GLN B 185 22.46 8.81 25.84
C GLN B 185 21.74 9.61 24.79
N MET B 186 22.47 10.55 24.18
CA MET B 186 21.91 11.46 23.20
C MET B 186 21.86 10.89 21.81
N VAL B 187 22.50 9.76 21.57
CA VAL B 187 22.43 9.16 20.25
C VAL B 187 21.68 7.83 20.39
N ALA B 188 22.39 6.79 20.84
CA ALA B 188 21.88 5.42 21.03
C ALA B 188 20.55 5.37 21.77
N GLU B 189 20.50 5.92 22.99
CA GLU B 189 19.26 5.93 23.79
C GLU B 189 18.08 6.60 23.09
N ALA B 190 18.35 7.74 22.45
CA ALA B 190 17.37 8.51 21.68
C ALA B 190 16.86 7.75 20.48
N VAL B 191 17.73 6.91 19.91
CA VAL B 191 17.37 6.08 18.78
C VAL B 191 16.31 5.12 19.23
N ARG B 192 16.56 4.57 20.41
CA ARG B 192 15.74 3.50 21.02
C ARG B 192 14.36 3.96 21.52
N PHE B 193 14.29 5.17 22.06
CA PHE B 193 13.08 5.68 22.64
C PHE B 193 12.78 7.08 22.12
N ARG B 194 11.58 7.28 21.58
CA ARG B 194 11.07 8.63 21.21
C ARG B 194 10.91 9.57 22.41
N PHE B 195 10.77 8.96 23.59
CA PHE B 195 10.68 9.61 24.87
C PHE B 195 11.93 10.37 25.22
N ILE B 196 13.08 9.72 25.06
CA ILE B 196 14.32 10.44 25.35
C ILE B 196 14.70 11.31 24.14
N GLU B 197 14.26 10.92 22.94
CA GLU B 197 14.42 11.80 21.78
C GLU B 197 13.74 13.16 22.03
N TYR B 198 12.53 13.10 22.58
CA TYR B 198 11.79 14.29 22.92
C TYR B 198 12.59 15.17 23.87
N ARG B 199 13.10 14.61 24.97
CA ARG B 199 13.90 15.37 25.95
C ARG B 199 15.01 16.24 25.34
N VAL B 200 15.77 15.67 24.40
CA VAL B 200 16.85 16.35 23.69
C VAL B 200 16.31 17.43 22.73
N ARG B 201 15.20 17.14 22.05
CA ARG B 201 14.55 18.14 21.17
C ARG B 201 14.20 19.36 21.98
N GLU B 202 13.87 19.17 23.24
CA GLU B 202 13.52 20.35 24.05
C GLU B 202 14.71 21.03 24.72
N SER B 203 15.85 20.35 24.76
CA SER B 203 17.10 21.03 25.00
C SER B 203 17.39 22.02 23.89
N ILE B 204 17.21 21.56 22.67
CA ILE B 204 17.55 22.34 21.49
C ILE B 204 16.60 23.52 21.38
N SER B 205 15.30 23.25 21.59
CA SER B 205 14.25 24.24 21.46
C SER B 205 14.44 25.37 22.48
N ARG B 206 14.63 25.00 23.74
CA ARG B 206 14.71 25.95 24.87
C ARG B 206 16.15 26.35 25.25
N ALA B 207 17.14 25.79 24.53
CA ALA B 207 18.55 25.94 24.87
C ALA B 207 18.78 25.78 26.35
N GLU B 208 18.23 24.70 26.93
CA GLU B 208 18.36 24.46 28.37
C GLU B 208 18.71 23.04 28.63
N MET B 209 19.87 22.82 29.28
CA MET B 209 20.38 21.48 29.57
C MET B 209 19.46 20.80 30.57
N PHE B 210 19.46 19.49 30.56
CA PHE B 210 18.68 18.72 31.52
C PHE B 210 19.43 17.54 32.16
N ARG B 211 19.02 17.20 33.36
CA ARG B 211 19.49 16.02 34.03
C ARG B 211 18.51 14.86 33.71
N PRO B 212 19.00 13.61 33.54
CA PRO B 212 18.10 12.51 33.19
C PRO B 212 17.19 12.12 34.32
N ASP B 213 15.90 12.35 34.09
CA ASP B 213 14.81 11.96 35.01
C ASP B 213 14.66 10.43 35.15
N PRO B 214 14.10 9.95 36.29
CA PRO B 214 13.88 8.51 36.55
C PRO B 214 13.20 7.67 35.47
N ALA B 215 12.40 8.32 34.61
CA ALA B 215 11.71 7.65 33.48
C ALA B 215 12.71 7.27 32.39
N MET B 216 13.44 8.29 31.94
CA MET B 216 14.51 8.11 31.01
C MET B 216 15.56 7.10 31.52
N LEU B 217 15.87 7.11 32.80
CA LEU B 217 16.77 6.06 33.33
C LEU B 217 16.18 4.66 33.23
N SER B 218 14.89 4.51 33.52
CA SER B 218 14.26 3.20 33.50
C SER B 218 14.07 2.67 32.06
N LEU B 219 13.67 3.54 31.14
CA LEU B 219 13.69 3.17 29.73
C LEU B 219 15.08 2.63 29.39
N GLU B 220 16.11 3.41 29.72
CA GLU B 220 17.49 2.99 29.51
C GLU B 220 17.82 1.66 30.16
N ASN B 221 17.57 1.50 31.45
CA ASN B 221 17.85 0.18 32.10
C ASN B 221 16.98 -1.01 31.63
N LYS B 222 15.74 -0.72 31.20
CA LYS B 222 14.78 -1.76 30.84
C LYS B 222 14.60 -1.94 29.34
N TRP B 223 15.46 -1.29 28.53
CA TRP B 223 15.44 -1.47 27.09
C TRP B 223 15.56 -2.94 26.70
N SER B 224 16.53 -3.63 27.31
CA SER B 224 16.69 -5.06 27.07
C SER B 224 15.45 -5.89 27.49
N ALA B 225 14.95 -5.64 28.69
CA ALA B 225 13.77 -6.33 29.18
C ALA B 225 12.51 -6.06 28.34
N LEU B 226 12.28 -4.81 27.92
CA LEU B 226 11.14 -4.45 27.05
C LEU B 226 11.17 -5.19 25.73
N SER B 227 12.36 -5.36 25.16
CA SER B 227 12.56 -6.08 23.92
C SER B 227 12.18 -7.55 24.14
N ASN B 228 12.69 -8.17 25.21
CA ASN B 228 12.38 -9.57 25.59
C ASN B 228 10.89 -9.78 25.83
N ALA B 229 10.25 -8.85 26.55
CA ALA B 229 8.81 -8.93 26.84
C ALA B 229 7.99 -8.98 25.58
N VAL B 230 8.17 -7.99 24.72
CA VAL B 230 7.43 -7.89 23.47
C VAL B 230 7.65 -9.12 22.60
N GLN B 231 8.90 -9.48 22.38
CA GLN B 231 9.23 -10.58 21.48
C GLN B 231 8.65 -11.89 21.97
N GLN B 232 8.84 -12.19 23.25
CA GLN B 232 8.31 -13.43 23.82
C GLN B 232 6.84 -13.33 24.32
N SER B 233 6.07 -12.38 23.82
CA SER B 233 4.70 -12.31 24.21
C SER B 233 3.89 -13.27 23.37
N ASN B 234 2.63 -13.46 23.74
CA ASN B 234 1.73 -14.26 22.92
C ASN B 234 1.30 -13.47 21.72
N GLN B 235 0.61 -14.13 20.80
CA GLN B 235 0.09 -13.46 19.63
C GLN B 235 -1.06 -12.55 20.08
N GLY B 236 -0.87 -11.24 20.10
CA GLY B 236 -1.81 -10.38 20.81
C GLY B 236 -1.07 -9.38 21.66
N GLY B 237 0.17 -9.73 22.00
CA GLY B 237 1.14 -8.79 22.55
C GLY B 237 1.16 -8.73 24.05
N VAL B 238 0.52 -9.71 24.66
CA VAL B 238 0.33 -9.80 26.09
C VAL B 238 1.61 -10.40 26.66
N PHE B 239 2.28 -9.68 27.54
CA PHE B 239 3.50 -10.15 28.21
C PHE B 239 3.20 -11.31 29.17
N SER B 240 4.20 -12.14 29.47
CA SER B 240 4.01 -13.19 30.46
C SER B 240 4.37 -12.66 31.84
N SER B 241 5.33 -11.73 31.90
CA SER B 241 5.58 -10.92 33.11
C SER B 241 5.54 -9.44 32.74
N PRO B 242 5.04 -8.59 33.66
CA PRO B 242 5.18 -7.15 33.46
C PRO B 242 6.65 -6.75 33.53
N VAL B 243 6.97 -5.62 32.92
CA VAL B 243 8.27 -5.02 33.02
C VAL B 243 8.05 -3.69 33.71
N GLU B 244 8.83 -3.43 34.74
CA GLU B 244 8.61 -2.24 35.56
C GLU B 244 9.41 -1.02 35.09
N LEU B 245 8.68 0.01 34.65
CA LEU B 245 9.23 1.31 34.26
C LEU B 245 9.02 2.35 35.36
N ARG B 246 9.46 3.59 35.12
CA ARG B 246 9.17 4.71 36.07
C ARG B 246 8.64 5.93 35.33
N SER B 247 8.09 6.88 36.09
CA SER B 247 7.57 8.13 35.55
C SER B 247 8.49 9.29 35.93
N ILE B 248 8.37 10.45 35.28
CA ILE B 248 9.12 11.60 35.79
C ILE B 248 8.43 11.92 37.14
N SER B 249 9.20 11.94 38.23
CA SER B 249 8.68 11.66 39.63
C SER B 249 8.83 10.16 39.71
N ASN B 250 8.97 9.57 40.88
CA ASN B 250 9.52 8.21 40.85
C ASN B 250 8.47 7.13 40.84
N LYS B 251 7.28 7.50 40.39
CA LYS B 251 6.12 6.61 40.43
C LYS B 251 6.28 5.39 39.48
N PRO B 252 6.06 4.16 40.00
CA PRO B 252 6.11 2.91 39.22
C PRO B 252 5.13 2.82 38.01
N VAL B 253 5.63 2.36 36.89
CA VAL B 253 4.77 2.14 35.71
C VAL B 253 4.87 0.66 35.23
N TYR B 254 3.76 -0.08 35.33
CA TYR B 254 3.80 -1.47 34.91
C TYR B 254 3.32 -1.64 33.47
N VAL B 255 4.13 -2.34 32.69
CA VAL B 255 3.88 -2.60 31.28
C VAL B 255 3.55 -4.06 31.07
N GLY B 256 2.33 -4.33 30.60
CA GLY B 256 1.85 -5.70 30.42
C GLY B 256 1.61 -6.18 28.99
N SER B 257 1.83 -5.31 27.99
CA SER B 257 1.56 -5.62 26.57
C SER B 257 2.21 -4.65 25.61
N VAL B 258 2.34 -5.07 24.35
CA VAL B 258 2.78 -4.18 23.26
C VAL B 258 1.79 -3.05 23.06
N SER B 259 0.52 -3.35 23.38
CA SER B 259 -0.64 -2.46 23.22
C SER B 259 -0.69 -1.35 24.26
N ASP B 260 0.02 -1.53 25.39
CA ASP B 260 0.19 -0.48 26.41
C ASP B 260 0.70 0.77 25.71
N ARG B 261 0.12 1.92 26.05
CA ARG B 261 0.32 3.10 25.22
C ARG B 261 1.73 3.60 25.34
N VAL B 262 2.31 3.40 26.52
CA VAL B 262 3.66 3.79 26.76
C VAL B 262 4.66 3.08 25.78
N ILE B 263 4.32 1.87 25.36
CA ILE B 263 5.16 1.12 24.47
C ILE B 263 5.34 1.83 23.11
N SER B 264 4.47 2.79 22.78
CA SER B 264 4.49 3.40 21.45
C SER B 264 5.74 4.24 21.25
N GLY B 265 6.35 4.64 22.37
CA GLY B 265 7.62 5.37 22.36
C GLY B 265 8.86 4.47 22.27
N LEU B 266 8.68 3.14 22.29
CA LEU B 266 9.76 2.20 22.01
C LEU B 266 10.00 2.09 20.52
N ALA B 267 11.03 2.76 20.03
CA ALA B 267 11.24 2.88 18.60
C ALA B 267 11.85 1.65 17.97
N ILE B 268 12.88 1.11 18.61
CA ILE B 268 13.63 -0.02 18.10
C ILE B 268 14.08 -0.98 19.25
N MET B 269 13.87 -2.29 19.03
CA MET B 269 14.24 -3.31 20.01
C MET B 269 15.55 -3.98 19.65
N LEU B 270 16.20 -4.51 20.69
CA LEU B 270 17.28 -5.47 20.54
C LEU B 270 16.71 -6.79 19.98
N PHE B 271 17.48 -7.55 19.21
CA PHE B 271 17.04 -8.89 18.79
C PHE B 271 17.11 -9.85 19.97
N ILE B 272 16.00 -10.51 20.27
CA ILE B 272 16.02 -11.59 21.24
C ILE B 272 15.73 -12.93 20.62
N CYS B 273 14.73 -12.99 19.75
CA CYS B 273 14.31 -14.24 19.10
C CYS B 273 13.29 -14.04 17.97
N ARG B 274 13.00 -15.10 17.20
CA ARG B 274 11.91 -15.09 16.18
C ARG B 274 10.53 -15.70 16.62
N SER B 275 9.44 -14.94 16.42
CA SER B 275 8.06 -15.33 16.80
C SER B 275 7.67 -16.75 16.35
N THR B 276 6.82 -17.43 17.13
CA THR B 276 6.24 -18.72 16.69
C THR B 276 4.71 -18.64 16.41
N ASN B 307 19.66 -24.47 21.24
CA ASN B 307 19.68 -23.75 22.52
C ASN B 307 19.12 -22.28 22.57
N ASP B 308 18.11 -21.86 21.80
CA ASP B 308 17.14 -22.60 21.02
C ASP B 308 15.89 -21.77 20.79
N ASP B 309 15.00 -21.66 21.78
CA ASP B 309 14.15 -20.48 21.85
C ASP B 309 13.09 -20.16 20.79
N THR B 310 13.48 -20.02 19.52
CA THR B 310 12.65 -19.34 18.51
C THR B 310 11.94 -18.13 19.19
N CYS B 311 10.82 -18.36 19.92
CA CYS B 311 10.34 -17.45 21.01
C CYS B 311 9.24 -18.21 21.69
N ALA B 312 9.14 -18.11 23.01
CA ALA B 312 8.06 -18.77 23.72
C ALA B 312 6.70 -18.19 23.31
N ASP B 313 5.65 -19.01 23.31
CA ASP B 313 4.27 -18.54 23.17
C ASP B 313 3.55 -18.79 24.52
N PRO B 314 3.57 -17.78 25.41
CA PRO B 314 3.06 -18.03 26.74
C PRO B 314 1.54 -17.99 26.79
N GLU B 315 1.01 -18.44 27.91
CA GLU B 315 -0.40 -18.37 28.16
C GLU B 315 -0.70 -17.59 29.47
N PRO B 316 -0.75 -16.23 29.35
CA PRO B 316 -0.83 -15.38 30.51
C PRO B 316 -2.25 -15.29 31.05
N THR B 317 -2.36 -15.17 32.37
CA THR B 317 -3.61 -14.92 33.03
C THR B 317 -3.64 -13.44 33.38
N VAL B 318 -4.59 -12.72 32.80
CA VAL B 318 -4.63 -11.26 32.88
C VAL B 318 -6.06 -10.77 33.06
N ARG B 319 -6.23 -9.55 33.55
CA ARG B 319 -7.52 -8.92 33.52
C ARG B 319 -7.70 -8.42 32.08
N ILE B 320 -8.96 -8.21 31.68
CA ILE B 320 -9.28 -7.59 30.41
C ILE B 320 -10.17 -6.40 30.74
N SER B 321 -9.63 -5.21 30.45
CA SER B 321 -10.33 -3.98 30.68
C SER B 321 -10.73 -3.35 29.34
N GLY B 322 -11.84 -2.62 29.35
CA GLY B 322 -12.36 -1.99 28.16
C GLY B 322 -13.20 -0.77 28.47
N ARG B 323 -14.34 -0.69 27.79
CA ARG B 323 -15.27 0.41 27.94
C ARG B 323 -15.27 1.07 29.34
N ASN B 324 -14.94 2.37 29.37
CA ASN B 324 -14.94 3.20 30.58
C ASN B 324 -13.98 2.71 31.69
N GLY B 325 -13.08 1.81 31.32
CA GLY B 325 -12.13 1.31 32.27
C GLY B 325 -12.63 0.08 32.99
N LEU B 326 -13.85 -0.32 32.72
CA LEU B 326 -14.45 -1.45 33.42
C LEU B 326 -13.85 -2.76 32.95
N CYS B 327 -14.03 -3.81 33.75
CA CYS B 327 -13.41 -5.11 33.52
C CYS B 327 -14.39 -6.18 33.09
N VAL B 328 -13.96 -7.02 32.16
CA VAL B 328 -14.65 -8.27 31.80
C VAL B 328 -14.79 -9.16 33.04
N ARG B 329 -16.03 -9.38 33.48
CA ARG B 329 -16.36 -10.09 34.75
C ARG B 329 -17.44 -11.18 34.63
N VAL B 330 -17.19 -12.33 35.28
CA VAL B 330 -18.14 -13.42 35.28
C VAL B 330 -19.14 -13.09 36.34
N ARG B 331 -20.38 -12.84 35.93
CA ARG B 331 -21.38 -12.15 36.79
C ARG B 331 -21.53 -12.84 38.12
N ASP B 332 -21.51 -12.06 39.20
CA ASP B 332 -21.68 -12.56 40.54
C ASP B 332 -20.74 -13.73 40.91
N GLY B 333 -19.65 -13.91 40.17
CA GLY B 333 -18.68 -14.97 40.44
C GLY B 333 -19.21 -16.38 40.29
N LYS B 334 -20.24 -16.56 39.47
CA LYS B 334 -20.91 -17.86 39.35
C LYS B 334 -20.61 -18.55 38.02
N TYR B 335 -20.31 -19.84 38.08
CA TYR B 335 -19.77 -20.55 36.92
C TYR B 335 -20.68 -21.61 36.31
N ASN B 336 -21.93 -21.62 36.75
CA ASN B 336 -22.89 -22.44 36.08
C ASN B 336 -22.92 -22.07 34.59
N ASN B 337 -23.07 -23.09 33.76
CA ASN B 337 -23.21 -22.94 32.32
C ASN B 337 -24.25 -21.92 31.87
N GLY B 338 -23.83 -20.93 31.09
CA GLY B 338 -24.74 -19.97 30.47
C GLY B 338 -24.90 -18.65 31.21
N ASN B 339 -24.29 -18.55 32.39
CA ASN B 339 -24.21 -17.32 33.15
C ASN B 339 -23.48 -16.24 32.34
N PRO B 340 -24.07 -15.01 32.27
CA PRO B 340 -23.52 -13.91 31.47
C PRO B 340 -22.17 -13.37 31.94
N ILE B 341 -21.46 -12.77 30.99
CA ILE B 341 -20.21 -12.03 31.20
C ILE B 341 -20.56 -10.55 31.04
N GLN B 342 -20.08 -9.76 31.99
CA GLN B 342 -20.52 -8.39 32.08
C GLN B 342 -19.41 -7.38 32.23
N LEU B 343 -19.82 -6.13 32.37
CA LEU B 343 -18.91 -5.06 32.67
C LEU B 343 -18.97 -4.77 34.20
N TRP B 344 -17.82 -4.51 34.83
CA TRP B 344 -17.75 -4.27 36.29
C TRP B 344 -16.39 -3.68 36.61
N PRO B 345 -16.31 -2.78 37.61
CA PRO B 345 -15.02 -2.22 38.04
C PRO B 345 -13.92 -3.26 38.24
N CYS B 346 -12.67 -2.85 38.04
CA CYS B 346 -11.53 -3.72 38.20
C CYS B 346 -11.09 -3.87 39.67
N LYS B 347 -10.90 -5.12 40.06
CA LYS B 347 -10.84 -5.48 41.49
C LYS B 347 -9.47 -5.43 42.14
N GLN B 348 -8.42 -5.54 41.34
CA GLN B 348 -7.05 -5.44 41.88
C GLN B 348 -6.68 -6.44 43.00
N ASN B 349 -7.66 -7.22 43.48
CA ASN B 349 -7.38 -8.40 44.35
C ASN B 349 -7.13 -9.64 43.47
N SER B 350 -7.43 -10.84 43.98
CA SER B 350 -7.23 -12.07 43.18
C SER B 350 -8.43 -13.04 43.08
N ASP B 351 -9.66 -12.51 43.23
CA ASP B 351 -10.86 -13.28 42.92
C ASP B 351 -10.82 -13.68 41.46
N VAL B 352 -11.16 -14.93 41.18
CA VAL B 352 -10.93 -15.58 39.88
C VAL B 352 -11.82 -15.08 38.72
N ASN B 353 -12.95 -14.46 39.07
CA ASN B 353 -14.01 -14.08 38.10
C ASN B 353 -13.70 -12.90 37.18
N GLN B 354 -12.49 -12.39 37.30
CA GLN B 354 -12.02 -11.27 36.49
C GLN B 354 -10.69 -11.61 35.84
N LEU B 355 -10.24 -12.85 36.05
CA LEU B 355 -8.95 -13.34 35.56
C LEU B 355 -9.12 -14.31 34.41
N TRP B 356 -8.41 -14.04 33.33
CA TRP B 356 -8.61 -14.75 32.09
C TRP B 356 -7.29 -15.27 31.56
N THR B 357 -7.19 -16.60 31.45
CA THR B 357 -6.05 -17.23 30.85
C THR B 357 -6.28 -17.22 29.36
N LEU B 358 -5.35 -16.60 28.64
CA LEU B 358 -5.45 -16.51 27.20
C LEU B 358 -4.68 -17.70 26.66
N ARG B 359 -5.42 -18.75 26.27
CA ARG B 359 -4.82 -20.01 25.81
C ARG B 359 -4.42 -19.93 24.35
N ARG B 360 -3.37 -20.69 24.02
CA ARG B 360 -2.81 -20.86 22.68
C ARG B 360 -3.87 -21.35 21.68
N ASP B 361 -4.79 -22.19 22.15
CA ASP B 361 -5.83 -22.82 21.30
C ASP B 361 -6.87 -21.78 20.86
N GLY B 362 -6.76 -20.57 21.40
CA GLY B 362 -7.68 -19.48 21.08
C GLY B 362 -8.78 -19.26 22.11
N THR B 363 -8.87 -20.14 23.12
CA THR B 363 -9.86 -19.91 24.17
C THR B 363 -9.41 -18.93 25.21
N ILE B 364 -10.42 -18.38 25.85
CA ILE B 364 -10.26 -17.45 26.93
C ILE B 364 -10.93 -18.07 28.20
N ARG B 365 -10.13 -18.34 29.23
CA ARG B 365 -10.61 -19.12 30.37
C ARG B 365 -10.56 -18.46 31.77
N SER B 366 -11.69 -18.54 32.46
CA SER B 366 -11.81 -18.12 33.84
C SER B 366 -12.17 -19.36 34.62
N ASN B 367 -11.41 -19.62 35.68
CA ASN B 367 -11.61 -20.80 36.55
C ASN B 367 -11.27 -22.06 35.75
N GLY B 368 -12.30 -22.87 35.47
CA GLY B 368 -12.07 -24.04 34.65
C GLY B 368 -12.74 -23.86 33.31
N LYS B 369 -13.61 -22.86 33.23
CA LYS B 369 -14.53 -22.63 32.10
C LYS B 369 -14.09 -21.59 31.04
N CYS B 370 -14.75 -21.63 29.88
CA CYS B 370 -14.31 -20.87 28.71
C CYS B 370 -15.24 -19.72 28.37
N LEU B 371 -14.68 -18.58 27.95
CA LEU B 371 -15.46 -17.48 27.37
C LEU B 371 -16.08 -17.93 26.04
N THR B 372 -17.40 -17.83 25.96
CA THR B 372 -18.27 -18.49 24.95
C THR B 372 -19.40 -17.60 24.44
N THR B 373 -19.61 -17.57 23.11
CA THR B 373 -20.82 -16.95 22.57
C THR B 373 -22.01 -17.87 22.63
N ASN B 374 -23.15 -17.24 22.84
CA ASN B 374 -24.42 -17.91 22.82
C ASN B 374 -24.91 -18.21 21.39
N GLY B 375 -24.38 -17.53 20.40
CA GLY B 375 -24.79 -17.72 19.02
C GLY B 375 -23.95 -16.84 18.13
N TYR B 376 -24.16 -16.96 16.82
CA TYR B 376 -23.34 -16.24 15.84
C TYR B 376 -24.11 -15.09 15.19
N SER B 377 -24.99 -14.43 15.95
CA SER B 377 -25.76 -13.30 15.44
C SER B 377 -25.50 -11.98 16.19
N ALA B 378 -25.44 -10.87 15.43
CA ALA B 378 -25.42 -9.52 15.99
C ALA B 378 -26.50 -9.40 17.10
N GLY B 379 -26.06 -9.22 18.33
CA GLY B 379 -26.99 -9.09 19.42
C GLY B 379 -26.93 -10.17 20.48
N ASP B 380 -26.41 -11.34 20.13
CA ASP B 380 -26.39 -12.47 21.04
C ASP B 380 -25.41 -12.20 22.18
N TYR B 381 -25.68 -12.75 23.37
CA TYR B 381 -24.88 -12.46 24.57
C TYR B 381 -23.74 -13.46 24.83
N VAL B 382 -22.68 -12.98 25.47
CA VAL B 382 -21.49 -13.79 25.73
C VAL B 382 -21.54 -14.29 27.17
N MET B 383 -21.15 -15.55 27.40
CA MET B 383 -21.38 -16.20 28.70
C MET B 383 -20.20 -17.07 29.11
N ILE B 384 -20.29 -17.66 30.29
CA ILE B 384 -19.36 -18.70 30.71
C ILE B 384 -19.97 -20.06 30.38
N TYR B 385 -19.17 -20.97 29.80
CA TYR B 385 -19.63 -22.31 29.52
C TYR B 385 -18.46 -23.28 29.67
N ASP B 386 -18.75 -24.58 29.70
CA ASP B 386 -17.71 -25.61 29.74
C ASP B 386 -16.84 -25.54 28.49
N CYS B 387 -15.54 -25.78 28.66
CA CYS B 387 -14.62 -25.91 27.53
C CYS B 387 -14.78 -27.34 27.05
N ARG B 388 -14.98 -27.54 25.76
CA ARG B 388 -15.14 -28.92 25.28
C ARG B 388 -13.84 -29.59 24.84
N THR B 389 -13.89 -30.91 24.82
CA THR B 389 -12.74 -31.74 24.58
C THR B 389 -12.43 -31.85 23.08
N PRO B 390 -13.44 -31.65 22.21
CA PRO B 390 -12.95 -31.24 20.87
C PRO B 390 -12.65 -29.73 20.78
N VAL B 391 -13.22 -28.93 21.70
CA VAL B 391 -13.07 -27.43 21.78
C VAL B 391 -13.79 -26.62 20.68
N THR B 392 -15.01 -26.14 20.96
CA THR B 392 -15.92 -25.63 19.88
C THR B 392 -15.63 -24.24 19.34
N ALA B 393 -16.31 -23.91 18.25
CA ALA B 393 -16.04 -22.68 17.50
C ALA B 393 -16.51 -21.49 18.30
N ALA B 394 -17.57 -21.69 19.07
CA ALA B 394 -18.19 -20.63 19.83
C ALA B 394 -17.34 -20.16 21.01
N SER B 395 -16.23 -20.88 21.28
CA SER B 395 -15.29 -20.52 22.36
C SER B 395 -13.89 -20.01 21.96
N ILE B 396 -13.64 -19.92 20.65
CA ILE B 396 -12.37 -19.43 20.06
C ILE B 396 -12.47 -17.92 19.75
N TRP B 397 -11.46 -17.20 20.24
CA TRP B 397 -11.34 -15.77 19.99
C TRP B 397 -9.89 -15.45 19.69
N GLN B 398 -9.71 -14.54 18.72
CA GLN B 398 -8.50 -13.80 18.56
C GLN B 398 -8.65 -12.53 19.35
N PHE B 399 -7.73 -12.32 20.30
CA PHE B 399 -7.55 -11.02 20.95
C PHE B 399 -6.43 -10.26 20.27
N TRP B 400 -6.78 -9.25 19.47
CA TRP B 400 -5.79 -8.49 18.67
C TRP B 400 -5.13 -7.35 19.44
N ALA B 401 -3.89 -7.05 19.05
CA ALA B 401 -3.06 -6.00 19.66
C ALA B 401 -3.72 -4.67 19.63
N ASN B 402 -4.35 -4.37 18.51
CA ASN B 402 -5.21 -3.18 18.36
C ASN B 402 -6.50 -3.09 19.25
N GLY B 403 -6.77 -4.14 20.04
CA GLY B 403 -7.79 -4.05 21.09
C GLY B 403 -9.16 -4.63 20.74
N THR B 404 -9.21 -5.47 19.71
CA THR B 404 -10.41 -6.13 19.31
C THR B 404 -10.36 -7.61 19.73
N ILE B 405 -11.44 -8.08 20.34
CA ILE B 405 -11.60 -9.49 20.66
C ILE B 405 -12.67 -10.07 19.70
N ILE B 406 -12.21 -10.89 18.75
CA ILE B 406 -13.07 -11.38 17.67
C ILE B 406 -13.27 -12.87 17.75
N ASN B 407 -14.52 -13.28 17.56
CA ASN B 407 -14.88 -14.68 17.40
C ASN B 407 -14.70 -15.01 15.90
N PRO B 408 -13.64 -15.80 15.53
CA PRO B 408 -13.34 -16.10 14.12
C PRO B 408 -14.54 -16.66 13.36
N GLN B 409 -15.19 -17.69 13.93
CA GLN B 409 -16.29 -18.37 13.24
C GLN B 409 -17.34 -17.41 12.70
N SER B 410 -17.66 -16.37 13.44
CA SER B 410 -18.73 -15.48 13.00
C SER B 410 -18.24 -14.09 12.67
N ALA B 411 -16.92 -13.85 12.76
CA ALA B 411 -16.32 -12.52 12.62
C ALA B 411 -16.96 -11.42 13.46
N LEU B 412 -17.75 -11.81 14.46
CA LEU B 412 -18.29 -10.81 15.38
C LEU B 412 -17.41 -10.57 16.63
N VAL B 413 -17.49 -9.36 17.17
CA VAL B 413 -16.52 -8.92 18.17
C VAL B 413 -17.10 -8.73 19.57
N LEU B 414 -16.26 -8.89 20.59
CA LEU B 414 -16.70 -8.60 21.95
C LEU B 414 -17.02 -7.12 22.11
N SER B 415 -18.26 -6.86 22.49
CA SER B 415 -18.83 -5.52 22.56
C SER B 415 -19.56 -5.30 23.88
N ALA B 416 -19.56 -4.03 24.33
CA ALA B 416 -20.30 -3.57 25.51
C ALA B 416 -21.34 -2.52 25.08
N GLU B 417 -22.58 -2.97 24.83
CA GLU B 417 -23.58 -2.11 24.16
C GLU B 417 -24.16 -0.97 24.98
N SER B 418 -23.54 -0.75 26.12
CA SER B 418 -23.99 0.16 27.09
C SER B 418 -22.80 0.34 28.06
N GLY B 419 -22.66 1.54 28.61
CA GLY B 419 -21.45 1.94 29.32
C GLY B 419 -21.38 1.74 30.82
N ASN B 420 -22.44 1.27 31.42
CA ASN B 420 -22.58 1.22 32.89
C ASN B 420 -22.26 -0.17 33.43
N PRO B 421 -21.91 -0.26 34.72
CA PRO B 421 -21.60 -1.57 35.35
C PRO B 421 -22.77 -2.54 35.23
N ARG B 422 -22.50 -3.84 35.02
CA ARG B 422 -23.53 -4.90 34.92
C ARG B 422 -24.14 -5.01 33.54
N THR B 423 -23.68 -4.22 32.58
CA THR B 423 -24.15 -4.43 31.22
C THR B 423 -23.56 -5.73 30.65
N THR B 424 -24.44 -6.48 29.99
CA THR B 424 -24.17 -7.80 29.50
C THR B 424 -23.36 -7.63 28.24
N LEU B 425 -22.27 -8.36 28.15
CA LEU B 425 -21.47 -8.37 26.94
C LEU B 425 -22.16 -9.18 25.80
N THR B 426 -22.00 -8.68 24.58
CA THR B 426 -22.63 -9.22 23.40
C THR B 426 -21.56 -9.29 22.32
N VAL B 427 -21.77 -10.12 21.31
CA VAL B 427 -20.99 -10.08 20.07
C VAL B 427 -21.69 -9.20 19.04
N GLN B 428 -20.93 -8.37 18.32
CA GLN B 428 -21.52 -7.40 17.38
C GLN B 428 -20.77 -7.29 16.07
N ALA B 429 -21.40 -6.60 15.14
CA ALA B 429 -20.74 -6.26 13.90
C ALA B 429 -19.54 -5.44 14.28
N ASP B 430 -18.38 -5.79 13.74
CA ASP B 430 -17.22 -4.93 13.94
C ASP B 430 -17.35 -3.58 13.26
N ILE B 431 -17.22 -2.53 14.05
CA ILE B 431 -17.17 -1.17 13.55
C ILE B 431 -16.01 -0.46 14.24
N TYR B 432 -15.16 -1.21 14.94
CA TYR B 432 -14.01 -0.68 15.69
C TYR B 432 -14.32 0.50 16.61
N ALA B 433 -15.51 0.48 17.18
CA ALA B 433 -15.94 1.43 18.18
C ALA B 433 -15.16 1.19 19.47
N SER B 434 -15.04 2.21 20.30
CA SER B 434 -14.40 2.10 21.62
C SER B 434 -15.17 1.14 22.58
N ARG B 435 -16.50 1.24 22.54
CA ARG B 435 -17.45 0.21 22.93
C ARG B 435 -16.94 -1.21 22.71
N GLN B 436 -16.09 -1.40 21.69
CA GLN B 436 -15.63 -2.71 21.28
C GLN B 436 -14.16 -2.91 21.50
N GLY B 437 -13.58 -2.05 22.33
CA GLY B 437 -12.14 -1.98 22.54
C GLY B 437 -11.75 -2.49 23.90
N TRP B 438 -10.60 -3.16 23.93
CA TRP B 438 -10.16 -3.98 25.05
C TRP B 438 -8.64 -4.04 25.18
N LEU B 439 -8.16 -4.29 26.39
CA LEU B 439 -6.74 -4.38 26.65
C LEU B 439 -6.47 -5.43 27.74
N ALA B 440 -5.53 -6.33 27.46
CA ALA B 440 -5.04 -7.34 28.36
C ALA B 440 -4.02 -6.74 29.32
N GLY B 441 -4.09 -7.09 30.60
CA GLY B 441 -3.08 -6.63 31.53
C GLY B 441 -3.66 -6.40 32.89
N ASN B 442 -2.83 -6.62 33.91
CA ASN B 442 -3.25 -6.43 35.30
C ASN B 442 -3.20 -5.01 35.86
N ASN B 443 -2.34 -4.13 35.31
CA ASN B 443 -2.41 -2.72 35.69
C ASN B 443 -3.54 -2.13 34.88
N THR B 444 -4.67 -1.86 35.55
CA THR B 444 -5.91 -1.42 34.86
C THR B 444 -6.24 0.04 34.94
N GLU B 445 -5.62 0.75 35.88
CA GLU B 445 -5.79 2.21 36.03
C GLU B 445 -5.30 2.91 34.74
N PRO B 446 -6.17 3.72 34.09
CA PRO B 446 -5.73 4.49 32.92
C PRO B 446 -4.48 5.28 33.25
N PHE B 447 -3.51 5.21 32.35
CA PHE B 447 -2.28 5.98 32.42
C PHE B 447 -2.61 7.46 32.17
N VAL B 448 -2.27 8.35 33.12
CA VAL B 448 -2.53 9.78 32.98
C VAL B 448 -1.26 10.54 32.63
N THR B 449 -1.30 11.30 31.52
CA THR B 449 -0.12 12.02 31.06
C THR B 449 -0.44 13.18 30.09
N SER B 450 0.60 13.84 29.56
CA SER B 450 0.49 14.85 28.46
C SER B 450 0.66 14.20 27.11
N ILE B 451 -0.02 14.71 26.08
CA ILE B 451 0.21 14.20 24.71
C ILE B 451 0.93 15.26 23.88
N VAL B 452 2.22 15.05 23.72
CA VAL B 452 3.05 15.96 22.95
C VAL B 452 2.88 15.76 21.43
N GLY B 453 2.68 16.85 20.71
CA GLY B 453 2.52 16.81 19.26
C GLY B 453 3.46 17.73 18.52
N PHE B 454 3.03 18.24 17.36
CA PHE B 454 3.80 19.16 16.52
C PHE B 454 4.48 20.30 17.31
N ASN B 455 5.76 20.49 17.05
CA ASN B 455 6.57 21.52 17.70
C ASN B 455 6.73 21.35 19.18
N ASP B 456 6.56 20.12 19.66
CA ASP B 456 6.72 19.80 21.07
C ASP B 456 5.72 20.54 21.97
N LEU B 457 4.53 20.74 21.41
CA LEU B 457 3.41 21.39 22.05
C LEU B 457 2.49 20.29 22.57
N CYS B 458 1.69 20.63 23.58
CA CYS B 458 0.86 19.66 24.28
C CYS B 458 -0.61 19.93 23.98
N MET B 459 -1.39 18.87 23.73
CA MET B 459 -2.85 18.93 23.73
C MET B 459 -3.42 19.47 25.07
N GLN B 460 -4.34 20.42 24.96
CA GLN B 460 -4.98 21.06 26.09
C GLN B 460 -6.49 21.03 25.90
N ALA B 461 -7.21 20.67 26.97
CA ALA B 461 -8.67 20.78 27.02
C ALA B 461 -9.12 22.23 27.23
N ASN B 462 -9.95 22.74 26.31
CA ASN B 462 -10.55 24.06 26.46
C ASN B 462 -12.03 23.90 26.19
N GLY B 463 -12.78 23.67 27.26
CA GLY B 463 -14.22 23.39 27.17
C GLY B 463 -14.57 22.17 26.31
N ASP B 464 -15.25 22.45 25.20
CA ASP B 464 -15.72 21.44 24.25
C ASP B 464 -14.68 21.24 23.17
N ALA B 465 -13.57 21.95 23.28
CA ALA B 465 -12.56 21.97 22.24
C ALA B 465 -11.21 21.50 22.73
N MET B 466 -10.41 20.95 21.80
CA MET B 466 -9.03 20.52 22.05
C MET B 466 -8.13 21.07 20.95
N TRP B 467 -6.96 21.57 21.34
CA TRP B 467 -5.91 22.03 20.42
C TRP B 467 -4.52 22.14 21.10
N VAL B 468 -3.44 22.04 20.35
CA VAL B 468 -2.09 22.07 20.93
C VAL B 468 -1.66 23.46 21.33
N VAL B 469 -1.42 23.65 22.63
CA VAL B 469 -0.90 24.92 23.15
C VAL B 469 0.49 24.60 23.74
N GLU B 470 1.29 25.60 24.04
CA GLU B 470 2.65 25.38 24.50
C GLU B 470 2.63 24.66 25.85
N CYS B 471 3.44 23.59 25.97
CA CYS B 471 3.43 22.67 27.13
C CYS B 471 3.82 23.31 28.43
N GLU B 472 3.16 22.93 29.52
CA GLU B 472 3.64 23.37 30.82
C GLU B 472 2.76 22.99 31.99
N SER B 473 3.31 22.74 33.19
CA SER B 473 3.76 21.43 33.62
C SER B 473 2.52 21.19 34.52
N SER B 474 2.18 22.23 35.32
CA SER B 474 0.92 22.44 36.10
C SER B 474 -0.44 22.16 35.41
N LYS B 475 -0.40 22.12 34.08
CA LYS B 475 -1.40 21.52 33.20
C LYS B 475 -2.87 21.59 33.47
N ALA B 476 -3.28 20.92 34.55
CA ALA B 476 -4.50 20.08 34.69
C ALA B 476 -5.21 19.68 33.39
N GLU B 477 -5.49 20.68 32.56
CA GLU B 477 -6.21 20.54 31.31
C GLU B 477 -5.34 19.82 30.29
N GLN B 478 -4.04 19.85 30.49
CA GLN B 478 -3.09 19.20 29.58
C GLN B 478 -2.81 17.74 29.96
N LYS B 479 -3.49 17.24 30.98
CA LYS B 479 -3.39 15.84 31.41
C LYS B 479 -4.49 15.06 30.73
N TRP B 480 -4.14 13.87 30.25
CA TRP B 480 -5.04 13.01 29.50
C TRP B 480 -5.00 11.62 30.07
N ALA B 481 -6.17 11.03 30.15
CA ALA B 481 -6.34 9.72 30.71
C ALA B 481 -6.46 8.73 29.54
N LEU B 482 -5.50 7.83 29.43
CA LEU B 482 -5.47 6.84 28.33
C LEU B 482 -6.23 5.55 28.65
N TYR B 483 -7.48 5.49 28.19
CA TYR B 483 -8.38 4.44 28.63
C TYR B 483 -8.21 3.10 27.91
N PRO B 484 -8.57 2.00 28.61
CA PRO B 484 -8.40 0.60 28.17
C PRO B 484 -9.18 0.26 26.86
N ASP B 485 -10.14 1.13 26.51
CA ASP B 485 -10.96 0.98 25.28
C ASP B 485 -10.43 1.79 24.06
N GLY B 486 -9.30 2.48 24.24
CA GLY B 486 -8.71 3.27 23.19
C GLY B 486 -9.12 4.71 23.17
N SER B 487 -9.85 5.15 24.19
CA SER B 487 -10.33 6.51 24.18
C SER B 487 -9.36 7.38 24.96
N ILE B 488 -9.32 8.68 24.61
CA ILE B 488 -8.52 9.67 25.34
C ILE B 488 -9.47 10.57 26.10
N ARG B 489 -9.31 10.63 27.43
CA ARG B 489 -10.21 11.43 28.30
C ARG B 489 -9.48 12.52 29.06
N PRO B 490 -10.09 13.73 29.14
CA PRO B 490 -9.55 14.77 30.01
C PRO B 490 -9.40 14.26 31.42
N HIS B 491 -8.24 14.46 32.04
CA HIS B 491 -8.06 14.10 33.46
C HIS B 491 -9.23 14.45 34.41
N GLN B 492 -9.73 15.68 34.31
CA GLN B 492 -10.71 16.18 35.29
C GLN B 492 -12.17 16.04 34.86
N ASP B 493 -12.39 15.39 33.72
CA ASP B 493 -13.71 14.98 33.25
C ASP B 493 -13.61 13.63 32.51
N ARG B 494 -13.80 12.52 33.20
CA ARG B 494 -13.66 11.20 32.55
C ARG B 494 -14.96 10.61 31.98
N ASP B 495 -15.98 11.45 31.84
CA ASP B 495 -17.21 11.15 31.11
C ASP B 495 -17.02 11.62 29.68
N ARG B 496 -16.04 12.49 29.47
CA ARG B 496 -15.90 13.17 28.19
C ARG B 496 -14.73 12.58 27.39
N CYS B 497 -14.93 12.45 26.07
CA CYS B 497 -13.97 11.74 25.19
C CYS B 497 -13.33 12.61 24.07
N LEU B 498 -12.10 12.29 23.67
CA LEU B 498 -11.49 12.88 22.47
C LEU B 498 -12.20 12.26 21.26
N THR B 499 -13.10 13.02 20.65
CA THR B 499 -13.99 12.48 19.60
C THR B 499 -14.07 13.28 18.27
N SER B 500 -14.19 12.55 17.14
CA SER B 500 -14.37 13.10 15.77
C SER B 500 -15.76 13.67 15.57
N THR B 501 -15.85 14.90 15.06
CA THR B 501 -17.16 15.53 14.79
C THR B 501 -17.98 14.57 13.89
N ASP B 502 -17.34 14.10 12.83
CA ASP B 502 -17.96 13.15 11.95
C ASP B 502 -16.80 12.28 11.47
N ASN B 503 -16.76 11.03 11.95
CA ASN B 503 -15.69 10.06 11.61
C ASN B 503 -15.67 9.68 10.11
N HIS B 504 -16.78 9.87 9.42
CA HIS B 504 -16.88 9.56 7.99
C HIS B 504 -16.24 10.71 7.17
N SER B 505 -16.05 11.87 7.77
CA SER B 505 -15.54 13.05 7.06
C SER B 505 -14.02 13.24 7.22
N GLN B 506 -13.30 13.26 6.12
CA GLN B 506 -11.88 13.54 6.14
C GLN B 506 -11.78 15.01 6.35
N GLY B 507 -10.99 15.41 7.36
CA GLY B 507 -10.78 16.82 7.75
C GLY B 507 -11.61 17.26 8.94
N SER B 508 -12.45 16.34 9.44
CA SER B 508 -13.35 16.60 10.54
C SER B 508 -12.55 16.98 11.76
N ILE B 509 -12.87 18.13 12.33
CA ILE B 509 -12.18 18.59 13.53
C ILE B 509 -12.54 17.69 14.71
N ILE B 510 -11.52 17.28 15.46
CA ILE B 510 -11.62 16.42 16.64
C ILE B 510 -11.91 17.24 17.89
N ILE B 511 -13.01 16.89 18.58
CA ILE B 511 -13.55 17.66 19.70
C ILE B 511 -13.58 16.80 20.99
N ILE B 512 -13.95 17.44 22.11
CA ILE B 512 -14.22 16.76 23.39
C ILE B 512 -15.72 16.71 23.58
N SER B 513 -16.25 15.52 23.82
CA SER B 513 -17.67 15.22 23.75
C SER B 513 -17.99 14.03 24.65
N SER B 514 -19.26 13.83 24.99
CA SER B 514 -19.67 12.75 25.88
C SER B 514 -19.12 11.39 25.43
N CYS B 515 -18.55 10.61 26.34
CA CYS B 515 -18.08 9.23 26.03
C CYS B 515 -19.23 8.22 25.79
N SER B 516 -20.46 8.71 25.98
CA SER B 516 -21.72 7.93 25.99
C SER B 516 -22.05 7.01 24.74
N PRO B 517 -21.79 7.49 23.50
CA PRO B 517 -21.94 6.60 22.34
C PRO B 517 -20.90 5.50 22.22
N GLY B 518 -19.70 5.73 22.75
CA GLY B 518 -18.62 4.77 22.63
C GLY B 518 -18.40 4.42 21.16
N SER B 519 -18.30 5.45 20.30
CA SER B 519 -18.33 5.27 18.87
C SER B 519 -16.98 4.97 18.25
N GLU B 520 -16.98 4.90 16.92
CA GLU B 520 -15.79 4.76 16.08
C GLU B 520 -14.81 5.92 16.25
N GLY B 521 -15.37 7.12 16.32
CA GLY B 521 -14.58 8.32 16.51
C GLY B 521 -14.13 8.56 17.92
N GLN B 522 -14.13 7.51 18.76
CA GLN B 522 -13.76 7.64 20.14
C GLN B 522 -12.67 6.64 20.52
N ARG B 523 -12.23 5.86 19.55
CA ARG B 523 -11.11 4.95 19.71
C ARG B 523 -9.90 5.36 18.84
N TRP B 524 -8.72 5.40 19.45
CA TRP B 524 -7.53 5.94 18.80
C TRP B 524 -6.39 5.06 19.13
N VAL B 525 -5.42 4.90 18.25
CA VAL B 525 -4.37 4.01 18.67
C VAL B 525 -3.04 4.69 18.49
N PHE B 526 -2.19 4.64 19.52
CA PHE B 526 -0.87 5.23 19.40
C PHE B 526 0.05 4.25 18.71
N MET B 527 0.53 4.65 17.53
CA MET B 527 1.27 3.72 16.68
C MET B 527 2.75 3.90 16.79
N ASN B 528 3.46 2.81 16.55
CA ASN B 528 4.90 2.87 16.46
C ASN B 528 5.36 3.93 15.45
N ASP B 529 4.60 4.12 14.37
CA ASP B 529 4.97 5.18 13.43
C ASP B 529 4.86 6.62 13.98
N GLY B 530 4.38 6.77 15.23
CA GLY B 530 4.32 8.06 15.98
C GLY B 530 3.03 8.83 15.79
N THR B 531 2.14 8.23 15.01
CA THR B 531 0.84 8.78 14.67
C THR B 531 -0.22 8.33 15.69
N ILE B 532 -1.30 9.09 15.79
CA ILE B 532 -2.46 8.60 16.49
C ILE B 532 -3.48 8.15 15.43
N LEU B 533 -3.66 6.83 15.34
CA LEU B 533 -4.52 6.20 14.32
C LEU B 533 -5.98 5.99 14.76
N ASN B 534 -6.87 6.13 13.80
CA ASN B 534 -8.26 5.68 13.94
C ASN B 534 -8.53 4.42 13.11
N LEU B 535 -8.64 3.26 13.75
CA LEU B 535 -9.13 2.03 13.08
C LEU B 535 -10.56 2.25 12.62
N LYS B 536 -10.87 1.83 11.40
CA LYS B 536 -12.18 2.10 10.83
C LYS B 536 -11.98 3.22 9.83
N ASN B 537 -11.47 4.36 10.29
CA ASN B 537 -11.01 5.43 9.38
C ASN B 537 -9.89 5.00 8.47
N GLY B 538 -8.83 4.46 9.07
CA GLY B 538 -7.53 4.42 8.47
C GLY B 538 -6.89 5.79 8.53
N LEU B 539 -7.57 6.77 9.13
CA LEU B 539 -7.09 8.18 9.19
C LEU B 539 -6.31 8.47 10.48
N VAL B 540 -5.54 9.56 10.45
CA VAL B 540 -4.55 9.89 11.47
C VAL B 540 -4.95 11.21 12.13
N MET B 541 -4.61 11.42 13.40
CA MET B 541 -4.74 12.74 14.04
C MET B 541 -3.75 13.75 13.44
N ASP B 542 -4.18 14.99 13.20
CA ASP B 542 -3.42 15.95 12.37
C ASP B 542 -3.64 17.43 12.80
N VAL B 543 -2.53 18.16 13.00
CA VAL B 543 -2.57 19.61 13.27
C VAL B 543 -2.77 20.38 11.95
N LYS B 544 -3.92 21.05 11.79
CA LYS B 544 -4.25 21.70 10.52
C LYS B 544 -3.04 22.41 9.90
N GLY B 545 -2.79 22.12 8.62
CA GLY B 545 -1.74 22.79 7.87
C GLY B 545 -0.47 23.11 8.62
N SER B 546 -0.04 22.21 9.52
CA SER B 546 1.05 22.46 10.46
C SER B 546 0.96 23.82 11.19
N ASP B 547 -0.26 24.30 11.42
CA ASP B 547 -0.48 25.61 12.04
C ASP B 547 -1.29 25.49 13.33
N PRO B 548 -0.57 25.48 14.47
CA PRO B 548 -1.27 25.49 15.75
C PRO B 548 -2.24 26.70 16.02
N SER B 549 -2.11 27.82 15.30
CA SER B 549 -2.94 29.00 15.60
C SER B 549 -4.37 28.83 15.08
N LEU B 550 -4.60 27.76 14.31
CA LEU B 550 -5.94 27.46 13.79
C LEU B 550 -6.79 26.75 14.84
N HIS B 551 -6.13 26.29 15.92
CA HIS B 551 -6.79 25.64 17.04
C HIS B 551 -7.63 24.44 16.59
N GLN B 552 -7.13 23.72 15.58
CA GLN B 552 -7.89 22.61 15.03
C GLN B 552 -6.96 21.45 14.86
N ILE B 553 -7.32 20.37 15.55
CA ILE B 553 -6.72 19.04 15.31
C ILE B 553 -7.76 18.27 14.56
N ILE B 554 -7.39 17.77 13.40
CA ILE B 554 -8.32 17.10 12.50
C ILE B 554 -7.87 15.71 12.17
N ILE B 555 -8.73 15.07 11.39
CA ILE B 555 -8.66 13.67 10.98
C ILE B 555 -8.17 13.68 9.55
N TRP B 556 -7.00 13.13 9.27
CA TRP B 556 -6.38 13.22 7.93
C TRP B 556 -5.59 11.93 7.55
N PRO B 557 -5.51 11.60 6.24
CA PRO B 557 -4.65 10.53 5.76
C PRO B 557 -3.19 10.70 6.13
N ALA B 558 -2.46 9.59 6.13
CA ALA B 558 -1.07 9.57 6.53
C ALA B 558 -0.20 10.28 5.50
N THR B 559 0.45 11.38 5.92
CA THR B 559 1.28 12.11 5.01
C THR B 559 2.75 11.84 5.28
N GLY B 560 3.61 12.55 4.57
CA GLY B 560 4.91 12.87 5.14
C GLY B 560 4.85 13.15 6.65
N LYS B 561 5.97 13.02 7.33
CA LYS B 561 6.18 13.61 8.66
C LYS B 561 5.26 14.71 9.45
N PRO B 562 5.90 15.83 9.87
CA PRO B 562 5.81 16.24 11.28
C PRO B 562 4.49 16.68 11.94
N ASN B 563 3.55 17.31 11.24
CA ASN B 563 2.33 17.74 11.94
C ASN B 563 1.42 16.57 12.36
N GLN B 564 1.91 15.35 12.19
CA GLN B 564 1.15 14.16 12.54
C GLN B 564 1.80 13.22 13.58
N LYS B 565 2.93 13.64 14.18
CA LYS B 565 3.64 12.88 15.24
C LYS B 565 3.17 13.25 16.64
N TRP B 566 2.92 12.22 17.44
CA TRP B 566 2.44 12.41 18.79
C TRP B 566 3.20 11.45 19.65
N LEU B 567 3.30 11.76 20.95
CA LEU B 567 3.90 10.87 21.97
C LEU B 567 3.13 10.99 23.28
N PRO B 568 2.59 9.87 23.79
CA PRO B 568 1.97 9.86 25.10
C PRO B 568 3.10 9.82 26.10
N LEU B 569 3.28 10.88 26.84
CA LEU B 569 4.56 11.06 27.54
C LEU B 569 4.75 10.13 28.74
N LEU B 570 5.96 9.57 28.80
CA LEU B 570 6.47 8.91 30.02
C LEU B 570 7.54 9.81 30.68
#